data_4YXD
#
_entry.id   4YXD
#
_cell.length_a   70.366
_cell.length_b   83.746
_cell.length_c   292.625
_cell.angle_alpha   90.00
_cell.angle_beta   90.00
_cell.angle_gamma   90.00
#
_symmetry.space_group_name_H-M   'P 21 21 21'
#
loop_
_entity.id
_entity.type
_entity.pdbx_description
1 polymer 'Succinate dehydrogenase [ubiquinone] flavoprotein subunit, mitochondrial'
2 polymer 'Succinate dehydrogenase [ubiquinone] iron-sulfur subunit, mitochondrial'
3 polymer 'Succinate dehydrogenase cytochrome b560 subunit, mitochondrial'
4 polymer 'Succinate dehydrogenase [ubiquinone] cytochrome b small subunit, mitochondrial'
5 non-polymer 'FLAVIN-ADENINE DINUCLEOTIDE'
6 non-polymer 'FE2/S2 (INORGANIC) CLUSTER'
7 non-polymer 'IRON/SULFUR CLUSTER'
8 non-polymer 'FE3-S4 CLUSTER'
9 non-polymer 'PROTOPORPHYRIN IX CONTAINING FE'
10 non-polymer N-[3-(1-methylethoxy)phenyl]-2-(trifluoromethyl)benzamide
#
loop_
_entity_poly.entity_id
_entity_poly.type
_entity_poly.pdbx_seq_one_letter_code
_entity_poly.pdbx_strand_id
1 'polypeptide(L)'
;MSGVRAVSRLLRARRLALTWAQPAASPIGARSFHFTVDGNKRSSAKVSDAISTQYPVVDHEFDAVVVGAGGAGLRAAFGL
SEAGFNTACVTKLFPTRSHTVAAQGGINAALGNMEEDNWRWHFYDTVKGSDWLGDQDAIHYMTEQAPASVVELENYGMPF
SRTEDGKIYQRAFGGQSLKFGKGGQAHRCCCVADRTGHSLLHTLYGRSLRYDTSYFVEYFALDLLMENGECRGVIALCIE
DGSIHRIRARNTVVATGGYGRTYFSCTSAHTSTGDGTAMVTRAGLPCQDLEFVQFHPTGIYGAGCLITEGCRGEGGILIN
SQGERFMERYAPVAKDLASRDVVSRSMTLEIREGRGCGPEKDHVYLQLHHLPPEQLAVRLPGISETAMIFAGVDVTKEPI
PVLPTVHYNMGGIPTNYKGQVLRHVNGQDQVVPGLYACGEAACASVHGANRLGANSLLDLVVFGRACALSIAESCRPGDK
VPSIKPNAGEESVMNLDKLRFANGTIRTSELRLSMQKSMQSHAAVFRVGSVLQEGCEKILRLYGDLQHLKTFDRGMVWNT
DLVETLELQNLMLCALQTIYGAEARKESRGAHAREDFKERVDEYDYSKPIQGQQKKPFQEHWRKHTLSYVDVKTGKVSLE
YRPVIDKTLNEADCATVPPAIRSY
;
A
2 'polypeptide(L)'
;MAAVVAVSLKRWFPATTLGGACLQACRGAQTAAATAPRIKKFAIYRWDPDKTGDKPHMQTYEIDLNNCGPMVLDALIKIK
NEIDSTLTFRRSCREGICGSCAMNINGGNTLACTRRIDTNLDKVSKIYPLPHMYVIKDLVPDLSNFYAQYKSIEPYLKKK
DESQEGKQQYLQSIEEREKLDGLYECILCACCSTSCPSYWWNGDKYLGPAVLMQAYRWMIDSRDDFTEERLAKLQDPFSL
YRCHTIMNCTGTCPKGLNPGKAIAEIKKMMATYKEKKASA
;
B
3 'polypeptide(L)'
;MAALLLRHVGRHCLRAHLSPQLCIRNAVPLGTTAKEEMERFWNKNLGSNRPLSPHITIYRWSLPMAMSICHRGTGIALSA
GVSLFGLSALLLPGNFESHLELVKSLCLGPTLIYTAKFGIVFPLMYHTWNGIRHLIWDLGKGLTIPQLTQSGVVVLILTV
LSSVGLAAM
;
C
4 'polypeptide(L)'
;MATLWRLSVLCGARGGGALVLRTSVVRPAHVSAFLQDRHTPGWCGVQHIHLSPSHQASSKAASLHWTGERVVSVLLLGLL
PAAYLNPCSAMDYSLAAALTLHGHWGIGQVVTDYVRGDALQKVAKAGLLALSAFTFAGLCYFNYHDVGICKAVAMLWKL
;
D
#
loop_
_chem_comp.id
_chem_comp.type
_chem_comp.name
_chem_comp.formula
F3S non-polymer 'FE3-S4 CLUSTER' 'Fe3 S4'
FAD non-polymer 'FLAVIN-ADENINE DINUCLEOTIDE' 'C27 H33 N9 O15 P2'
FES non-polymer 'FE2/S2 (INORGANIC) CLUSTER' 'Fe2 S2'
FTN non-polymer N-[3-(1-methylethoxy)phenyl]-2-(trifluoromethyl)benzamide 'C17 H16 F3 N O2'
HEM non-polymer 'PROTOPORPHYRIN IX CONTAINING FE' 'C34 H32 Fe N4 O4'
SF4 non-polymer 'IRON/SULFUR CLUSTER' 'Fe4 S4'
#
# COMPACT_ATOMS: atom_id res chain seq x y z
N SER A 52 17.20 -10.61 30.10
CA SER A 52 18.07 -11.49 29.25
C SER A 52 17.54 -12.91 29.22
N THR A 53 17.23 -13.45 30.40
CA THR A 53 16.73 -14.83 30.52
C THR A 53 15.23 -14.94 30.19
N GLN A 54 14.43 -13.91 30.51
CA GLN A 54 13.00 -13.93 30.19
C GLN A 54 12.76 -13.77 28.68
N TYR A 55 13.43 -12.81 28.07
CA TYR A 55 13.28 -12.53 26.64
C TYR A 55 14.37 -13.22 25.82
N PRO A 56 13.96 -14.12 24.90
CA PRO A 56 14.96 -14.76 24.03
C PRO A 56 15.61 -13.78 23.06
N VAL A 57 16.94 -13.71 23.05
CA VAL A 57 17.67 -12.72 22.22
C VAL A 57 18.47 -13.34 21.08
N VAL A 58 18.15 -12.96 19.85
CA VAL A 58 18.86 -13.46 18.68
C VAL A 58 19.82 -12.41 18.16
N ASP A 59 21.04 -12.82 17.83
CA ASP A 59 22.06 -11.94 17.28
C ASP A 59 22.29 -12.21 15.80
N HIS A 60 22.37 -11.14 15.02
CA HIS A 60 22.56 -11.20 13.58
C HIS A 60 23.81 -10.40 13.25
N GLU A 61 24.32 -10.57 12.03
CA GLU A 61 25.58 -9.94 11.62
C GLU A 61 25.53 -9.59 10.14
N PHE A 62 25.62 -8.29 9.83
CA PHE A 62 25.55 -7.81 8.45
C PHE A 62 26.69 -6.82 8.15
N ASP A 63 26.70 -6.28 6.94
CA ASP A 63 27.59 -5.18 6.58
C ASP A 63 26.86 -3.85 6.71
N ALA A 64 25.53 -3.90 6.74
CA ALA A 64 24.71 -2.70 6.78
C ALA A 64 23.29 -2.94 7.28
N VAL A 65 22.82 -2.09 8.20
CA VAL A 65 21.44 -2.12 8.64
C VAL A 65 20.77 -0.83 8.21
N VAL A 66 19.51 -0.93 7.81
CA VAL A 66 18.74 0.21 7.41
C VAL A 66 17.44 0.15 8.19
N VAL A 67 17.29 1.08 9.12
CA VAL A 67 16.03 1.25 9.82
C VAL A 67 15.15 2.08 8.92
N GLY A 68 14.11 1.44 8.37
CA GLY A 68 13.11 2.13 7.54
C GLY A 68 13.05 1.65 6.10
N ALA A 69 11.82 1.51 5.60
CA ALA A 69 11.61 1.07 4.23
C ALA A 69 10.58 1.94 3.52
N GLY A 70 10.78 3.25 3.58
CA GLY A 70 10.08 4.17 2.71
C GLY A 70 10.98 4.49 1.53
N GLY A 71 10.73 5.61 0.87
CA GLY A 71 11.52 6.05 -0.25
C GLY A 71 13.00 5.99 0.02
N ALA A 72 13.40 6.52 1.17
CA ALA A 72 14.83 6.60 1.48
C ALA A 72 15.32 5.23 1.87
N GLY A 73 14.63 4.62 2.82
CA GLY A 73 15.02 3.31 3.35
C GLY A 73 15.31 2.32 2.24
N LEU A 74 14.28 2.05 1.43
CA LEU A 74 14.43 1.18 0.28
C LEU A 74 15.62 1.60 -0.57
N ARG A 75 15.67 2.87 -0.96
CA ARG A 75 16.71 3.32 -1.87
C ARG A 75 18.10 3.09 -1.29
N ALA A 76 18.27 3.36 0.00
CA ALA A 76 19.54 3.14 0.64
C ALA A 76 19.83 1.64 0.78
N ALA A 77 18.83 0.90 1.26
CA ALA A 77 18.97 -0.54 1.51
C ALA A 77 19.31 -1.31 0.23
N PHE A 78 18.60 -0.98 -0.85
CA PHE A 78 18.76 -1.72 -2.10
C PHE A 78 20.02 -1.23 -2.82
N GLY A 79 20.32 0.06 -2.72
CA GLY A 79 21.57 0.61 -3.24
C GLY A 79 22.80 -0.02 -2.62
N LEU A 80 22.73 -0.26 -1.31
CA LEU A 80 23.81 -0.93 -0.58
C LEU A 80 23.98 -2.36 -1.08
N SER A 81 22.85 -3.08 -1.15
CA SER A 81 22.80 -4.45 -1.69
C SER A 81 23.39 -4.52 -3.10
N GLU A 82 22.92 -3.66 -3.99
CA GLU A 82 23.49 -3.53 -5.33
C GLU A 82 24.98 -3.31 -5.28
N ALA A 83 25.44 -2.36 -4.50
CA ALA A 83 26.87 -2.15 -4.31
C ALA A 83 27.58 -3.42 -3.79
N GLY A 84 26.79 -4.44 -3.42
CA GLY A 84 27.33 -5.75 -3.06
C GLY A 84 27.57 -5.91 -1.57
N PHE A 85 26.67 -5.35 -0.77
CA PHE A 85 26.80 -5.38 0.68
C PHE A 85 25.72 -6.26 1.26
N ASN A 86 26.11 -7.13 2.19
CA ASN A 86 25.16 -7.96 2.90
C ASN A 86 24.36 -7.07 3.84
N THR A 87 23.10 -6.81 3.46
CA THR A 87 22.36 -5.67 3.98
C THR A 87 21.02 -6.02 4.58
N ALA A 88 20.86 -5.74 5.87
CA ALA A 88 19.57 -5.94 6.55
C ALA A 88 18.74 -4.66 6.47
N CYS A 89 17.42 -4.79 6.30
CA CYS A 89 16.52 -3.64 6.32
C CYS A 89 15.42 -3.84 7.36
N VAL A 90 15.61 -3.29 8.55
CA VAL A 90 14.59 -3.41 9.59
C VAL A 90 13.50 -2.36 9.37
N THR A 91 12.24 -2.79 9.37
CA THR A 91 11.10 -1.89 9.16
C THR A 91 9.89 -2.42 9.90
N LYS A 92 9.26 -1.57 10.70
CA LYS A 92 8.13 -1.98 11.55
C LYS A 92 6.86 -2.24 10.77
N LEU A 93 6.85 -1.86 9.49
CA LEU A 93 5.74 -2.13 8.57
C LEU A 93 6.23 -2.85 7.32
N PHE A 94 5.31 -3.49 6.60
CA PHE A 94 5.60 -3.96 5.26
C PHE A 94 6.03 -2.75 4.43
N PRO A 95 7.17 -2.83 3.73
CA PRO A 95 7.73 -1.64 3.08
C PRO A 95 6.71 -0.81 2.31
N THR A 96 5.80 -1.47 1.61
CA THR A 96 4.78 -0.78 0.82
C THR A 96 3.81 0.04 1.66
N ARG A 97 3.60 -0.32 2.93
CA ARG A 97 2.67 0.44 3.78
C ARG A 97 3.35 1.68 4.36
N SER A 98 4.65 1.83 4.09
CA SER A 98 5.37 3.01 4.54
C SER A 98 4.67 4.25 4.04
N HIS A 99 5.01 5.37 4.66
CA HIS A 99 4.21 6.56 4.49
C HIS A 99 4.31 7.18 3.13
N THR A 100 5.46 7.01 2.45
CA THR A 100 5.68 7.71 1.17
C THR A 100 4.58 7.36 0.14
N VAL A 101 3.98 6.18 0.30
CA VAL A 101 2.79 5.81 -0.47
C VAL A 101 1.81 6.95 -0.65
N ALA A 102 1.53 7.63 0.45
CA ALA A 102 0.49 8.64 0.51
C ALA A 102 0.90 9.92 -0.22
N ALA A 103 2.15 9.99 -0.63
CA ALA A 103 2.60 11.11 -1.41
C ALA A 103 1.86 11.09 -2.73
N GLN A 104 1.21 12.21 -2.99
CA GLN A 104 0.36 12.37 -4.14
C GLN A 104 1.11 13.13 -5.25
N GLY A 105 1.75 14.23 -4.87
CA GLY A 105 2.15 15.28 -5.80
C GLY A 105 3.17 14.95 -6.85
N GLY A 106 4.43 14.86 -6.45
CA GLY A 106 5.48 14.57 -7.40
C GLY A 106 6.89 14.69 -6.86
N ILE A 107 7.83 14.76 -7.80
CA ILE A 107 9.24 14.51 -7.52
C ILE A 107 10.02 15.49 -8.43
N ASN A 108 10.73 16.46 -7.83
CA ASN A 108 11.36 17.54 -8.61
C ASN A 108 12.70 17.16 -9.20
N ALA A 109 12.89 17.50 -10.47
CA ALA A 109 14.17 17.30 -11.14
C ALA A 109 14.15 18.15 -12.39
N ALA A 110 15.15 19.01 -12.54
CA ALA A 110 15.19 19.88 -13.71
C ALA A 110 15.52 19.07 -14.96
N LEU A 111 14.56 18.26 -15.42
CA LEU A 111 14.78 17.40 -16.59
C LEU A 111 14.68 18.19 -17.88
N GLY A 112 13.85 19.23 -17.88
CA GLY A 112 13.64 20.05 -19.07
C GLY A 112 12.85 19.33 -20.15
N ASN A 113 11.88 18.53 -19.73
CA ASN A 113 10.91 17.95 -20.66
C ASN A 113 9.84 18.97 -21.06
N MET A 114 9.44 19.84 -20.14
CA MET A 114 8.36 20.81 -20.39
C MET A 114 8.86 22.09 -21.05
N GLU A 115 10.02 22.57 -20.61
CA GLU A 115 10.66 23.75 -21.23
C GLU A 115 12.18 23.64 -21.14
N GLU A 116 12.89 24.72 -21.47
CA GLU A 116 14.30 24.79 -21.10
C GLU A 116 14.34 24.97 -19.59
N ASP A 117 15.23 24.24 -18.93
CA ASP A 117 15.33 24.29 -17.49
C ASP A 117 16.80 24.12 -17.08
N ASN A 118 17.12 24.53 -15.86
CA ASN A 118 18.44 24.38 -15.31
C ASN A 118 18.31 24.01 -13.85
N TRP A 119 19.06 22.99 -13.42
CA TRP A 119 18.97 22.53 -12.02
C TRP A 119 19.44 23.60 -11.05
N ARG A 120 20.36 24.43 -11.51
CA ARG A 120 20.84 25.56 -10.71
C ARG A 120 19.68 26.52 -10.35
N TRP A 121 18.64 26.59 -11.19
CA TRP A 121 17.46 27.40 -10.87
C TRP A 121 16.65 26.74 -9.77
N HIS A 122 16.61 25.42 -9.81
CA HIS A 122 15.99 24.59 -8.78
C HIS A 122 16.78 24.72 -7.46
N PHE A 123 18.11 24.76 -7.55
CA PHE A 123 18.95 25.09 -6.40
C PHE A 123 18.47 26.39 -5.79
N TYR A 124 18.53 27.46 -6.58
CA TYR A 124 18.12 28.78 -6.12
C TYR A 124 16.78 28.68 -5.42
N ASP A 125 15.82 28.03 -6.07
CA ASP A 125 14.46 27.96 -5.53
C ASP A 125 14.44 27.35 -4.13
N THR A 126 15.16 26.25 -3.97
CA THR A 126 15.17 25.49 -2.73
C THR A 126 15.82 26.27 -1.59
N VAL A 127 16.97 26.89 -1.87
CA VAL A 127 17.63 27.70 -0.85
C VAL A 127 16.80 28.93 -0.55
N LYS A 128 16.11 29.46 -1.57
CA LYS A 128 15.18 30.55 -1.31
C LYS A 128 14.01 30.07 -0.46
N GLY A 129 13.62 28.81 -0.63
CA GLY A 129 12.57 28.22 0.18
C GLY A 129 13.01 27.88 1.60
N SER A 130 14.29 27.57 1.78
CA SER A 130 14.82 27.21 3.10
C SER A 130 14.85 28.40 4.09
N ASP A 131 14.70 29.61 3.55
CA ASP A 131 14.79 30.86 4.31
C ASP A 131 16.18 30.98 4.91
N TRP A 132 17.13 30.60 4.08
CA TRP A 132 18.55 30.57 4.43
C TRP A 132 18.89 29.89 5.74
N LEU A 133 18.06 28.93 6.13
CA LEU A 133 18.45 27.98 7.13
C LEU A 133 18.99 26.75 6.40
N GLY A 134 18.77 26.70 5.07
CA GLY A 134 19.22 25.59 4.24
C GLY A 134 20.72 25.59 4.00
N ASP A 135 21.33 24.42 4.16
CA ASP A 135 22.74 24.20 3.91
C ASP A 135 22.95 24.00 2.41
N GLN A 136 23.63 24.95 1.80
CA GLN A 136 23.63 25.06 0.35
C GLN A 136 24.51 24.01 -0.31
N ASP A 137 25.47 23.44 0.43
CA ASP A 137 26.21 22.25 -0.04
C ASP A 137 25.28 21.07 -0.35
N ALA A 138 24.40 20.72 0.58
CA ALA A 138 23.41 19.68 0.35
C ALA A 138 22.38 20.06 -0.72
N ILE A 139 21.95 21.31 -0.74
CA ILE A 139 20.98 21.73 -1.76
C ILE A 139 21.57 21.62 -3.17
N HIS A 140 22.83 22.00 -3.32
CA HIS A 140 23.56 21.78 -4.57
C HIS A 140 23.48 20.29 -4.85
N TYR A 141 24.06 19.48 -3.96
CA TYR A 141 24.12 18.03 -4.17
C TYR A 141 22.80 17.45 -4.67
N MET A 142 21.71 17.88 -4.07
CA MET A 142 20.39 17.35 -4.42
C MET A 142 19.93 17.83 -5.80
N THR A 143 19.81 19.13 -5.97
CA THR A 143 19.23 19.68 -7.20
C THR A 143 20.00 19.25 -8.46
N GLU A 144 21.30 19.05 -8.30
CA GLU A 144 22.15 18.59 -9.38
C GLU A 144 21.86 17.14 -9.67
N GLN A 145 21.96 16.32 -8.62
CA GLN A 145 21.83 14.86 -8.75
C GLN A 145 20.37 14.37 -9.01
N ALA A 146 19.42 15.31 -9.07
CA ALA A 146 18.00 14.96 -9.17
C ALA A 146 17.55 14.48 -10.55
N PRO A 147 18.01 15.13 -11.62
CA PRO A 147 17.76 14.57 -12.94
C PRO A 147 18.13 13.11 -13.05
N ALA A 148 19.36 12.77 -12.67
CA ALA A 148 19.83 11.39 -12.73
C ALA A 148 19.04 10.51 -11.78
N SER A 149 18.78 11.01 -10.57
CA SER A 149 18.05 10.23 -9.57
C SER A 149 16.66 9.88 -10.03
N VAL A 150 15.99 10.81 -10.70
CA VAL A 150 14.67 10.51 -11.27
C VAL A 150 14.74 9.60 -12.50
N VAL A 151 15.73 9.80 -13.36
CA VAL A 151 15.79 8.94 -14.54
C VAL A 151 16.04 7.50 -14.16
N GLU A 152 16.83 7.27 -13.11
CA GLU A 152 17.01 5.92 -12.61
C GLU A 152 15.66 5.34 -12.14
N LEU A 153 14.83 6.17 -11.51
CA LEU A 153 13.51 5.71 -11.07
C LEU A 153 12.63 5.34 -12.25
N GLU A 154 12.68 6.15 -13.30
CA GLU A 154 11.90 5.83 -14.51
C GLU A 154 12.47 4.57 -15.09
N ASN A 155 13.80 4.46 -15.08
CA ASN A 155 14.46 3.25 -15.59
C ASN A 155 14.26 2.01 -14.72
N TYR A 156 13.87 2.18 -13.46
CA TYR A 156 13.49 1.05 -12.61
C TYR A 156 12.09 0.54 -12.91
N GLY A 157 11.35 1.25 -13.77
CA GLY A 157 9.99 0.86 -14.15
C GLY A 157 8.89 1.73 -13.60
N MET A 158 9.24 2.82 -12.91
CA MET A 158 8.26 3.72 -12.36
C MET A 158 7.43 4.37 -13.47
N PRO A 159 6.11 4.19 -13.42
CA PRO A 159 5.28 4.49 -14.57
C PRO A 159 4.89 5.95 -14.63
N PHE A 160 5.85 6.81 -14.95
CA PHE A 160 5.55 8.23 -14.98
C PHE A 160 4.48 8.50 -16.03
N SER A 161 3.64 9.51 -15.77
CA SER A 161 2.77 10.07 -16.81
C SER A 161 3.60 10.69 -17.93
N ARG A 162 3.09 10.64 -19.16
CA ARG A 162 3.93 10.95 -20.34
C ARG A 162 3.48 12.14 -21.15
N THR A 163 4.38 12.67 -21.96
CA THR A 163 4.10 13.80 -22.85
C THR A 163 3.86 13.29 -24.28
N GLU A 164 3.58 14.21 -25.20
CA GLU A 164 3.55 13.84 -26.61
C GLU A 164 4.94 13.35 -27.03
N ASP A 165 5.98 13.90 -26.39
CA ASP A 165 7.38 13.51 -26.64
C ASP A 165 7.71 12.08 -26.20
N GLY A 166 6.87 11.48 -25.36
CA GLY A 166 7.12 10.14 -24.80
C GLY A 166 7.93 10.20 -23.52
N LYS A 167 8.13 11.43 -23.03
CA LYS A 167 9.03 11.72 -21.94
C LYS A 167 8.23 11.96 -20.68
N ILE A 168 8.88 11.82 -19.52
CA ILE A 168 8.23 12.04 -18.22
C ILE A 168 7.53 13.39 -18.18
N TYR A 169 6.30 13.39 -17.70
CA TYR A 169 5.51 14.59 -17.67
C TYR A 169 5.78 15.31 -16.37
N GLN A 170 6.08 16.61 -16.47
CA GLN A 170 6.31 17.46 -15.30
C GLN A 170 5.18 18.49 -15.14
N ARG A 171 4.98 19.01 -13.92
CA ARG A 171 4.00 20.08 -13.68
C ARG A 171 4.52 21.24 -12.83
N ALA A 172 3.72 22.31 -12.79
CA ALA A 172 3.96 23.45 -11.91
C ALA A 172 3.76 23.01 -10.46
N PHE A 173 4.46 23.65 -9.53
CA PHE A 173 4.30 23.33 -8.11
C PHE A 173 4.85 24.46 -7.26
N GLY A 174 4.38 24.51 -6.02
CA GLY A 174 4.62 25.62 -5.09
C GLY A 174 5.99 26.26 -5.11
N GLY A 175 6.03 27.50 -5.61
CA GLY A 175 7.18 28.39 -5.47
C GLY A 175 8.42 27.94 -6.21
N GLN A 176 8.28 27.74 -7.53
CA GLN A 176 9.39 27.26 -8.36
C GLN A 176 9.53 28.06 -9.65
N SER A 177 10.72 28.61 -9.87
CA SER A 177 10.96 29.58 -10.93
C SER A 177 11.84 29.04 -12.04
N LEU A 178 11.90 29.78 -13.15
CA LEU A 178 13.01 29.66 -14.10
C LEU A 178 13.88 30.91 -14.01
N LYS A 179 15.03 30.87 -14.71
CA LYS A 179 16.04 31.93 -14.65
C LYS A 179 16.13 32.64 -13.29
N PHE A 180 16.57 31.88 -12.28
CA PHE A 180 16.88 32.42 -10.96
C PHE A 180 15.83 33.37 -10.35
N GLY A 181 14.56 32.98 -10.43
CA GLY A 181 13.48 33.73 -9.76
C GLY A 181 12.95 34.94 -10.52
N LYS A 182 13.27 35.03 -11.82
CA LYS A 182 12.82 36.14 -12.67
C LYS A 182 12.20 35.64 -13.99
N GLY A 183 12.03 34.33 -14.15
CA GLY A 183 11.61 33.74 -15.42
C GLY A 183 10.25 33.07 -15.36
N GLY A 184 9.40 33.49 -14.42
CA GLY A 184 8.02 33.00 -14.32
C GLY A 184 7.89 31.68 -13.58
N GLN A 185 6.69 31.07 -13.65
CA GLN A 185 6.43 29.75 -13.06
C GLN A 185 7.14 28.66 -13.88
N ALA A 186 7.65 27.65 -13.17
CA ALA A 186 8.45 26.55 -13.77
C ALA A 186 7.77 25.18 -13.61
N HIS A 187 7.94 24.34 -14.63
CA HIS A 187 7.32 23.01 -14.70
C HIS A 187 8.35 21.88 -14.65
N ARG A 188 8.81 21.53 -13.45
CA ARG A 188 9.84 20.47 -13.26
C ARG A 188 9.42 19.34 -12.29
N CYS A 189 8.16 19.34 -11.88
CA CYS A 189 7.64 18.33 -10.95
C CYS A 189 7.17 17.08 -11.71
N CYS A 190 8.04 16.07 -11.77
CA CYS A 190 7.73 14.79 -12.40
C CYS A 190 6.68 14.06 -11.58
N CYS A 191 5.78 13.34 -12.23
CA CYS A 191 4.73 12.65 -11.48
C CYS A 191 4.10 11.47 -12.23
N VAL A 192 3.43 10.65 -11.43
CA VAL A 192 2.72 9.47 -11.87
C VAL A 192 1.26 9.79 -11.54
N ALA A 193 0.71 10.75 -12.29
CA ALA A 193 -0.63 11.21 -12.03
C ALA A 193 -0.69 11.73 -10.59
N ASP A 194 -1.60 11.19 -9.79
CA ASP A 194 -1.86 11.68 -8.46
C ASP A 194 -1.30 10.73 -7.40
N ARG A 195 -0.67 9.64 -7.82
CA ARG A 195 -0.18 8.61 -6.89
C ARG A 195 1.31 8.31 -7.14
N THR A 196 2.12 9.37 -7.19
CA THR A 196 3.52 9.20 -7.53
C THR A 196 4.35 8.71 -6.36
N GLY A 197 3.89 8.95 -5.14
CA GLY A 197 4.56 8.35 -3.98
C GLY A 197 4.34 6.86 -3.92
N HIS A 198 3.07 6.47 -4.04
CA HIS A 198 2.69 5.08 -4.20
C HIS A 198 3.61 4.39 -5.20
N SER A 199 3.63 4.91 -6.43
CA SER A 199 4.43 4.29 -7.48
C SER A 199 5.92 4.35 -7.19
N LEU A 200 6.42 5.48 -6.71
CA LEU A 200 7.82 5.52 -6.26
C LEU A 200 8.09 4.34 -5.33
N LEU A 201 7.29 4.22 -4.28
CA LEU A 201 7.55 3.24 -3.24
C LEU A 201 7.46 1.77 -3.71
N HIS A 202 6.51 1.47 -4.59
CA HIS A 202 6.37 0.11 -5.13
C HIS A 202 7.47 -0.21 -6.12
N THR A 203 7.89 0.73 -6.97
CA THR A 203 8.91 0.35 -7.96
C THR A 203 10.25 0.16 -7.22
N LEU A 204 10.49 1.00 -6.19
CA LEU A 204 11.62 0.81 -5.28
C LEU A 204 11.53 -0.50 -4.50
N TYR A 205 10.37 -0.82 -3.96
CA TYR A 205 10.25 -2.10 -3.26
C TYR A 205 10.52 -3.22 -4.25
N GLY A 206 9.86 -3.16 -5.40
CA GLY A 206 9.94 -4.23 -6.39
C GLY A 206 11.37 -4.54 -6.79
N ARG A 207 12.13 -3.48 -7.03
CA ARG A 207 13.50 -3.64 -7.51
C ARG A 207 14.37 -4.23 -6.41
N SER A 208 14.06 -3.94 -5.17
CA SER A 208 14.88 -4.41 -4.06
C SER A 208 14.88 -5.94 -3.94
N LEU A 209 13.82 -6.59 -4.43
CA LEU A 209 13.73 -8.05 -4.43
C LEU A 209 14.76 -8.68 -5.36
N ARG A 210 15.19 -7.91 -6.35
CA ARG A 210 16.23 -8.32 -7.28
C ARG A 210 17.61 -8.53 -6.64
N TYR A 211 17.75 -8.22 -5.35
CA TYR A 211 19.04 -8.34 -4.63
C TYR A 211 18.88 -9.11 -3.32
N ASP A 212 19.98 -9.42 -2.65
CA ASP A 212 19.91 -10.19 -1.38
C ASP A 212 19.62 -9.32 -0.12
N THR A 213 18.73 -8.35 -0.29
CA THR A 213 18.29 -7.46 0.79
C THR A 213 17.50 -8.29 1.83
N SER A 214 18.08 -8.44 3.03
CA SER A 214 17.41 -9.10 4.17
C SER A 214 16.32 -8.22 4.78
N TYR A 215 15.06 -8.55 4.51
CA TYR A 215 13.94 -7.73 4.99
C TYR A 215 13.36 -8.21 6.33
N PHE A 216 13.85 -7.63 7.44
CA PHE A 216 13.23 -7.84 8.76
C PHE A 216 11.92 -7.01 8.82
N VAL A 217 10.83 -7.66 8.40
CA VAL A 217 9.54 -6.99 8.22
C VAL A 217 8.74 -7.09 9.50
N GLU A 218 8.05 -6.01 9.82
CA GLU A 218 7.38 -5.87 11.11
C GLU A 218 8.36 -6.23 12.23
N TYR A 219 9.45 -5.46 12.27
CA TYR A 219 10.37 -5.43 13.40
C TYR A 219 10.47 -3.99 13.90
N PHE A 220 10.16 -3.78 15.19
CA PHE A 220 10.26 -2.47 15.81
C PHE A 220 11.67 -2.26 16.36
N ALA A 221 12.39 -1.27 15.81
CA ALA A 221 13.71 -0.92 16.32
C ALA A 221 13.50 -0.26 17.67
N LEU A 222 14.37 -0.56 18.63
CA LEU A 222 14.25 -0.05 19.98
C LEU A 222 15.26 1.05 20.24
N ASP A 223 16.53 0.76 19.91
CA ASP A 223 17.65 1.69 20.12
C ASP A 223 18.81 1.30 19.24
N LEU A 224 19.74 2.24 19.07
CA LEU A 224 20.99 1.93 18.38
C LEU A 224 21.90 1.10 19.31
N LEU A 225 22.90 0.48 18.72
CA LEU A 225 23.94 -0.18 19.46
C LEU A 225 25.19 0.66 19.29
N MET A 226 25.31 1.64 20.18
CA MET A 226 26.45 2.53 20.21
C MET A 226 27.52 1.89 21.09
N GLU A 227 28.78 2.20 20.84
CA GLU A 227 29.85 1.74 21.72
C GLU A 227 31.03 2.70 21.55
N ASN A 228 31.44 3.35 22.63
CA ASN A 228 32.50 4.35 22.54
C ASN A 228 32.34 5.21 21.30
N GLY A 229 31.17 5.83 21.17
CA GLY A 229 30.92 6.83 20.13
C GLY A 229 30.64 6.32 18.72
N GLU A 230 30.65 5.00 18.53
CA GLU A 230 30.48 4.44 17.19
C GLU A 230 29.24 3.57 17.12
N CYS A 231 28.59 3.55 15.95
CA CYS A 231 27.39 2.74 15.80
C CYS A 231 27.70 1.32 15.30
N ARG A 232 27.20 0.35 16.05
CA ARG A 232 27.35 -1.05 15.74
C ARG A 232 26.11 -1.66 15.14
N GLY A 233 24.95 -1.06 15.37
CA GLY A 233 23.72 -1.53 14.73
C GLY A 233 22.48 -1.13 15.48
N VAL A 234 21.47 -2.01 15.45
CA VAL A 234 20.20 -1.76 16.10
C VAL A 234 19.77 -2.95 16.92
N ILE A 235 18.96 -2.66 17.93
CA ILE A 235 18.29 -3.71 18.66
C ILE A 235 16.79 -3.51 18.42
N ALA A 236 16.12 -4.59 18.05
CA ALA A 236 14.72 -4.52 17.66
C ALA A 236 13.87 -5.62 18.25
N LEU A 237 12.60 -5.29 18.43
CA LEU A 237 11.57 -6.24 18.76
C LEU A 237 11.08 -6.85 17.45
N CYS A 238 10.69 -8.12 17.51
CA CYS A 238 10.09 -8.79 16.36
C CYS A 238 8.62 -8.93 16.67
N ILE A 239 7.81 -7.94 16.27
CA ILE A 239 6.39 -7.86 16.65
C ILE A 239 5.71 -9.23 16.67
N GLU A 240 6.07 -10.10 15.70
CA GLU A 240 5.41 -11.39 15.49
C GLU A 240 5.52 -12.38 16.65
N ASP A 241 6.73 -12.68 17.10
CA ASP A 241 6.95 -13.70 18.12
C ASP A 241 7.45 -13.15 19.46
N GLY A 242 7.34 -11.83 19.65
CA GLY A 242 7.76 -11.18 20.90
C GLY A 242 9.25 -11.15 21.23
N SER A 243 10.09 -11.86 20.46
CA SER A 243 11.51 -11.98 20.79
C SER A 243 12.32 -10.71 20.45
N ILE A 244 13.56 -10.64 20.95
CA ILE A 244 14.43 -9.48 20.74
C ILE A 244 15.65 -9.82 19.89
N HIS A 245 15.93 -8.95 18.91
CA HIS A 245 17.00 -9.18 17.97
C HIS A 245 18.01 -8.04 17.96
N ARG A 246 19.26 -8.43 17.86
CA ARG A 246 20.36 -7.49 17.83
C ARG A 246 21.05 -7.66 16.50
N ILE A 247 20.77 -6.74 15.60
CA ILE A 247 21.27 -6.78 14.24
C ILE A 247 22.45 -5.83 14.18
N ARG A 248 23.64 -6.38 14.09
CA ARG A 248 24.83 -5.55 14.18
C ARG A 248 25.53 -5.45 12.82
N ALA A 249 25.90 -4.23 12.43
CA ALA A 249 26.65 -3.98 11.21
C ALA A 249 27.70 -2.88 11.40
N ARG A 250 28.56 -2.76 10.40
CA ARG A 250 29.57 -1.73 10.39
C ARG A 250 28.93 -0.35 10.14
N ASN A 251 27.74 -0.35 9.52
CA ASN A 251 27.08 0.89 9.15
C ASN A 251 25.57 0.79 9.30
N THR A 252 25.01 1.79 9.95
CA THR A 252 23.61 1.75 10.35
C THR A 252 22.91 3.01 9.87
N VAL A 253 21.85 2.85 9.08
CA VAL A 253 21.22 3.97 8.36
C VAL A 253 19.79 4.22 8.81
N VAL A 254 19.54 5.40 9.36
CA VAL A 254 18.25 5.73 9.98
C VAL A 254 17.32 6.50 9.05
N ALA A 255 16.29 5.81 8.54
CA ALA A 255 15.33 6.43 7.64
C ALA A 255 13.91 6.24 8.14
N THR A 256 13.67 6.65 9.38
CA THR A 256 12.38 6.45 10.06
C THR A 256 11.28 7.46 9.73
N GLY A 257 11.56 8.44 8.88
CA GLY A 257 10.56 9.47 8.60
C GLY A 257 10.13 10.31 9.80
N GLY A 258 9.08 11.12 9.59
CA GLY A 258 8.68 12.17 10.53
C GLY A 258 7.90 11.78 11.78
N TYR A 259 7.33 12.79 12.42
CA TYR A 259 6.71 12.61 13.73
C TYR A 259 5.49 13.54 13.89
N GLY A 260 4.74 13.72 12.82
CA GLY A 260 3.53 14.55 12.89
C GLY A 260 2.52 14.09 13.92
N ARG A 261 2.63 12.83 14.34
CA ARG A 261 1.77 12.24 15.38
C ARG A 261 1.99 12.83 16.78
N THR A 262 2.95 13.73 16.92
CA THR A 262 3.08 14.54 18.13
C THR A 262 1.95 15.55 18.24
N TYR A 263 1.28 15.87 17.12
CA TYR A 263 0.17 16.83 17.10
C TYR A 263 -1.17 16.15 16.89
N PHE A 264 -2.25 16.89 17.17
CA PHE A 264 -3.60 16.35 17.12
C PHE A 264 -4.05 16.16 15.68
N SER A 265 -4.04 17.25 14.92
CA SER A 265 -4.34 17.20 13.50
C SER A 265 -3.01 17.02 12.79
N CYS A 266 -2.92 16.01 11.92
CA CYS A 266 -1.73 15.79 11.09
C CYS A 266 -2.04 14.93 9.87
N THR A 267 -1.44 15.26 8.74
CA THR A 267 -1.66 14.49 7.50
C THR A 267 -0.92 13.16 7.54
N SER A 268 0.13 13.10 8.36
CA SER A 268 0.95 11.91 8.49
C SER A 268 0.18 10.74 9.07
N ALA A 269 0.64 9.52 8.73
CA ALA A 269 -0.04 8.28 9.11
C ALA A 269 0.27 7.85 10.54
N HIS A 270 -0.58 6.99 11.13
CA HIS A 270 -0.46 6.59 12.55
C HIS A 270 0.91 6.05 12.92
N THR A 271 1.69 5.69 11.91
CA THR A 271 3.03 5.12 12.08
C THR A 271 4.15 6.15 12.02
N SER A 272 3.81 7.44 11.84
CA SER A 272 4.80 8.51 11.80
C SER A 272 5.00 9.11 13.20
N THR A 273 5.85 8.44 13.99
CA THR A 273 5.97 8.68 15.43
C THR A 273 7.43 8.91 15.90
N GLY A 274 8.25 9.49 15.03
CA GLY A 274 9.63 9.87 15.35
C GLY A 274 10.56 8.83 15.99
N ASP A 275 10.37 7.57 15.66
CA ASP A 275 11.10 6.48 16.33
C ASP A 275 12.61 6.57 16.15
N GLY A 276 13.07 6.96 14.96
CA GLY A 276 14.52 7.07 14.71
C GLY A 276 15.12 8.34 15.25
N THR A 277 14.31 9.42 15.20
CA THR A 277 14.64 10.68 15.84
C THR A 277 14.89 10.44 17.35
N ALA A 278 14.04 9.60 17.94
CA ALA A 278 14.11 9.30 19.37
C ALA A 278 15.33 8.46 19.73
N MET A 279 15.59 7.41 18.95
CA MET A 279 16.73 6.52 19.26
C MET A 279 18.04 7.32 19.29
N VAL A 280 18.11 8.31 18.41
CA VAL A 280 19.27 9.20 18.30
C VAL A 280 19.36 10.04 19.57
N THR A 281 18.23 10.57 19.99
CA THR A 281 18.15 11.28 21.24
C THR A 281 18.53 10.38 22.42
N ARG A 282 18.10 9.12 22.39
CA ARG A 282 18.44 8.16 23.45
C ARG A 282 19.92 7.80 23.44
N ALA A 283 20.58 7.96 22.30
CA ALA A 283 22.03 7.76 22.23
C ALA A 283 22.84 8.98 22.73
N GLY A 284 22.17 10.07 23.07
CA GLY A 284 22.84 11.31 23.47
C GLY A 284 23.27 12.19 22.31
N LEU A 285 22.73 11.92 21.13
CA LEU A 285 23.07 12.70 19.96
C LEU A 285 22.06 13.84 19.76
N PRO A 286 22.49 14.92 19.09
CA PRO A 286 21.59 16.04 18.90
C PRO A 286 20.60 15.81 17.79
N CYS A 287 19.51 16.55 17.86
CA CYS A 287 18.49 16.63 16.82
C CYS A 287 18.37 18.10 16.35
N GLN A 288 18.70 18.32 15.10
CA GLN A 288 18.68 19.64 14.51
C GLN A 288 17.24 20.11 14.22
N ASP A 289 16.97 21.38 14.54
CA ASP A 289 15.84 22.11 13.94
C ASP A 289 14.42 21.56 14.17
N LEU A 290 14.18 20.84 15.26
CA LEU A 290 12.88 20.18 15.44
C LEU A 290 11.68 21.12 15.57
N GLU A 291 11.95 22.38 15.89
CA GLU A 291 10.91 23.44 15.92
C GLU A 291 10.20 23.63 14.57
N PHE A 292 10.95 23.47 13.49
CA PHE A 292 10.44 23.73 12.15
C PHE A 292 9.55 22.57 11.65
N VAL A 293 8.25 22.88 11.63
CA VAL A 293 7.18 21.92 11.40
C VAL A 293 6.26 22.56 10.36
N GLN A 294 6.16 21.92 9.19
CA GLN A 294 5.42 22.50 8.09
C GLN A 294 3.95 22.17 8.24
N PHE A 295 3.15 23.23 8.32
CA PHE A 295 1.69 23.11 8.28
C PHE A 295 1.18 23.22 6.84
N HIS A 296 1.12 22.07 6.17
CA HIS A 296 0.55 22.01 4.83
C HIS A 296 -0.83 22.65 4.86
N PRO A 297 -1.08 23.59 3.93
CA PRO A 297 -2.29 24.41 3.99
C PRO A 297 -3.60 23.66 3.72
N THR A 298 -3.58 22.71 2.79
CA THR A 298 -4.77 21.96 2.39
C THR A 298 -4.85 20.54 3.01
N GLY A 299 -5.45 20.44 4.19
CA GLY A 299 -5.73 19.17 4.86
C GLY A 299 -7.14 19.15 5.43
N ILE A 300 -7.95 18.17 5.02
CA ILE A 300 -9.41 18.12 5.29
C ILE A 300 -9.79 18.42 6.75
N TYR A 301 -10.93 19.08 6.92
CA TYR A 301 -11.41 19.52 8.22
C TYR A 301 -11.33 18.41 9.28
N GLY A 302 -12.07 17.33 9.05
CA GLY A 302 -12.25 16.28 10.05
C GLY A 302 -11.07 15.34 10.16
N ALA A 303 -10.85 14.55 9.10
CA ALA A 303 -9.88 13.46 9.12
C ALA A 303 -8.43 13.92 9.22
N GLY A 304 -8.14 15.14 8.77
CA GLY A 304 -6.78 15.64 8.66
C GLY A 304 -6.07 14.92 7.53
N CYS A 305 -6.76 14.78 6.41
CA CYS A 305 -6.23 14.06 5.24
C CYS A 305 -5.86 15.05 4.16
N LEU A 306 -4.68 14.88 3.57
CA LEU A 306 -4.15 15.86 2.64
C LEU A 306 -4.75 15.78 1.25
N ILE A 307 -5.10 16.94 0.70
CA ILE A 307 -5.41 17.10 -0.71
C ILE A 307 -4.24 17.91 -1.29
N THR A 308 -3.42 17.27 -2.14
CA THR A 308 -2.06 17.77 -2.44
C THR A 308 -1.96 19.22 -2.94
N GLU A 309 -0.74 19.73 -3.02
CA GLU A 309 -0.47 21.07 -3.57
C GLU A 309 -0.46 21.06 -5.11
N GLY A 310 -0.49 19.87 -5.71
CA GLY A 310 -0.69 19.72 -7.15
C GLY A 310 -2.08 20.12 -7.65
N CYS A 311 -3.05 20.21 -6.73
CA CYS A 311 -4.37 20.76 -7.02
C CYS A 311 -4.28 22.26 -7.30
N ARG A 312 -3.38 22.93 -6.57
CA ARG A 312 -3.06 24.33 -6.82
C ARG A 312 -2.16 24.48 -8.04
N GLY A 313 -1.20 23.57 -8.21
CA GLY A 313 -0.33 23.59 -9.39
C GLY A 313 -1.03 23.38 -10.74
N GLU A 314 -2.25 22.85 -10.71
CA GLU A 314 -3.06 22.60 -11.91
C GLU A 314 -4.17 23.65 -12.09
N GLY A 315 -3.91 24.89 -11.68
CA GLY A 315 -4.85 26.00 -11.87
C GLY A 315 -5.92 26.19 -10.80
N GLY A 316 -6.01 25.24 -9.85
CA GLY A 316 -7.04 25.29 -8.80
C GLY A 316 -6.80 26.38 -7.78
N ILE A 317 -7.87 26.88 -7.18
CA ILE A 317 -7.84 28.13 -6.41
C ILE A 317 -8.13 27.91 -4.92
N LEU A 318 -7.67 28.82 -4.06
CA LEU A 318 -8.07 28.84 -2.63
C LEU A 318 -9.01 30.03 -2.35
N ILE A 319 -10.24 29.70 -1.93
CA ILE A 319 -11.33 30.65 -1.73
C ILE A 319 -11.70 30.76 -0.24
N ASN A 320 -11.97 31.99 0.22
CA ASN A 320 -12.45 32.23 1.60
C ASN A 320 -13.97 32.30 1.68
N SER A 321 -14.54 32.85 2.77
CA SER A 321 -16.01 32.86 2.94
C SER A 321 -16.71 34.08 2.34
N GLN A 322 -15.94 35.03 1.79
CA GLN A 322 -16.51 36.27 1.25
C GLN A 322 -16.34 36.36 -0.28
N GLY A 323 -16.02 35.23 -0.92
CA GLY A 323 -15.92 35.13 -2.38
C GLY A 323 -14.53 35.32 -2.94
N GLU A 324 -13.73 36.16 -2.28
CA GLU A 324 -12.43 36.58 -2.79
C GLU A 324 -11.38 35.47 -2.75
N ARG A 325 -10.61 35.35 -3.83
CA ARG A 325 -9.40 34.52 -3.85
C ARG A 325 -8.38 35.16 -2.93
N PHE A 326 -8.53 34.90 -1.64
CA PHE A 326 -7.76 35.56 -0.57
C PHE A 326 -6.24 35.43 -0.65
N MET A 327 -5.73 34.71 -1.64
CA MET A 327 -4.29 34.47 -1.75
C MET A 327 -3.58 35.49 -2.67
N GLU A 328 -4.35 36.34 -3.36
CA GLU A 328 -3.79 37.36 -4.26
C GLU A 328 -3.40 38.62 -3.52
N ARG A 329 -4.13 38.92 -2.44
CA ARG A 329 -3.84 40.07 -1.58
C ARG A 329 -2.57 39.81 -0.79
N TYR A 330 -2.50 38.63 -0.15
CA TYR A 330 -1.40 38.26 0.75
C TYR A 330 -0.06 38.07 0.01
N ALA A 331 -0.12 37.49 -1.19
CA ALA A 331 1.08 37.30 -2.03
C ALA A 331 0.76 37.67 -3.49
N PRO A 332 0.90 38.97 -3.84
CA PRO A 332 0.58 39.44 -5.20
C PRO A 332 1.32 38.69 -6.32
N VAL A 333 2.61 38.41 -6.14
CA VAL A 333 3.45 37.78 -7.16
C VAL A 333 3.00 36.35 -7.49
N ALA A 334 3.14 35.43 -6.53
CA ALA A 334 2.95 33.99 -6.77
C ALA A 334 1.50 33.48 -6.58
N LYS A 335 0.68 34.21 -5.82
CA LYS A 335 -0.72 33.84 -5.54
C LYS A 335 -0.86 32.55 -4.70
N ASP A 336 -1.73 31.62 -5.11
CA ASP A 336 -2.00 30.40 -4.32
C ASP A 336 -0.89 29.39 -4.47
N LEU A 337 -0.19 29.47 -5.60
CA LEU A 337 0.96 28.61 -5.90
C LEU A 337 2.24 29.23 -5.31
N ALA A 338 2.18 29.68 -4.06
CA ALA A 338 3.32 30.29 -3.36
C ALA A 338 3.82 29.32 -2.29
N SER A 339 4.90 29.71 -1.59
CA SER A 339 5.48 28.90 -0.51
C SER A 339 4.44 28.34 0.48
N ARG A 340 4.81 27.28 1.19
CA ARG A 340 3.85 26.51 2.00
C ARG A 340 3.65 27.06 3.42
N ASP A 341 4.66 27.71 3.97
CA ASP A 341 4.52 28.40 5.26
C ASP A 341 3.67 29.66 5.12
N VAL A 342 3.81 30.32 3.97
CA VAL A 342 3.08 31.54 3.64
C VAL A 342 1.58 31.28 3.42
N VAL A 343 1.25 30.18 2.74
CA VAL A 343 -0.14 29.88 2.37
C VAL A 343 -0.98 29.42 3.57
N SER A 344 -0.39 28.66 4.49
CA SER A 344 -1.09 28.23 5.72
C SER A 344 -1.19 29.37 6.74
N ARG A 345 -0.15 30.21 6.76
CA ARG A 345 -0.16 31.45 7.52
C ARG A 345 -1.31 32.37 7.08
N SER A 346 -1.56 32.41 5.77
CA SER A 346 -2.65 33.21 5.20
C SER A 346 -4.01 32.64 5.57
N MET A 347 -4.17 31.34 5.37
CA MET A 347 -5.41 30.63 5.69
C MET A 347 -5.72 30.72 7.19
N THR A 348 -4.70 30.55 8.02
CA THR A 348 -4.85 30.62 9.46
C THR A 348 -5.10 32.08 9.91
N LEU A 349 -4.49 33.06 9.22
CA LEU A 349 -4.69 34.49 9.52
C LEU A 349 -6.05 35.00 9.00
N GLU A 350 -6.64 34.29 8.04
CA GLU A 350 -8.00 34.58 7.56
C GLU A 350 -9.08 34.10 8.54
N ILE A 351 -8.81 32.99 9.23
CA ILE A 351 -9.78 32.38 10.14
C ILE A 351 -9.90 33.16 11.46
N ARG A 352 -8.83 33.80 11.90
CA ARG A 352 -8.86 34.56 13.18
C ARG A 352 -9.79 35.77 13.07
N GLU A 353 -9.73 36.41 11.91
CA GLU A 353 -10.56 37.54 11.58
C GLU A 353 -12.02 37.14 11.56
N GLY A 354 -12.30 35.96 11.06
CA GLY A 354 -13.66 35.57 10.79
C GLY A 354 -14.02 35.53 9.32
N ARG A 355 -13.01 35.61 8.46
CA ARG A 355 -13.21 35.43 7.04
C ARG A 355 -13.54 33.96 6.78
N GLY A 356 -13.34 33.15 7.81
CA GLY A 356 -13.51 31.71 7.74
C GLY A 356 -14.90 31.17 7.44
N CYS A 357 -14.94 30.01 6.78
CA CYS A 357 -16.17 29.43 6.22
C CYS A 357 -16.74 28.34 7.13
N GLY A 358 -17.75 27.63 6.62
CA GLY A 358 -18.22 26.40 7.23
C GLY A 358 -19.23 26.57 8.37
N PRO A 359 -19.54 25.46 9.06
CA PRO A 359 -20.52 25.44 10.15
C PRO A 359 -20.15 26.24 11.41
N GLU A 360 -18.87 26.29 11.77
CA GLU A 360 -18.42 26.94 13.02
C GLU A 360 -17.33 28.00 12.79
N LYS A 361 -17.27 28.52 11.56
CA LYS A 361 -16.26 29.52 11.15
C LYS A 361 -14.81 29.16 11.53
N ASP A 362 -14.29 28.05 10.97
CA ASP A 362 -12.88 27.64 11.19
C ASP A 362 -12.28 26.68 10.13
N HIS A 363 -12.62 26.89 8.86
CA HIS A 363 -11.92 26.19 7.75
C HIS A 363 -12.16 26.84 6.38
N VAL A 364 -11.10 26.93 5.57
CA VAL A 364 -11.10 27.63 4.27
C VAL A 364 -11.28 26.67 3.09
N TYR A 365 -11.75 27.19 1.95
CA TYR A 365 -12.08 26.34 0.79
C TYR A 365 -10.97 26.28 -0.27
N LEU A 366 -10.66 25.05 -0.71
CA LEU A 366 -9.86 24.81 -1.92
C LEU A 366 -10.86 24.65 -3.07
N GLN A 367 -10.55 25.14 -4.24
CA GLN A 367 -11.50 25.03 -5.33
C GLN A 367 -10.88 24.27 -6.47
N LEU A 368 -11.56 23.22 -6.92
CA LEU A 368 -11.10 22.49 -8.09
C LEU A 368 -12.09 22.54 -9.23
N HIS A 369 -13.31 22.97 -8.94
CA HIS A 369 -14.42 22.66 -9.81
C HIS A 369 -14.32 23.18 -11.21
N HIS A 370 -13.77 24.36 -11.39
CA HIS A 370 -13.70 24.94 -12.72
C HIS A 370 -12.86 24.22 -13.76
N LEU A 371 -11.68 23.73 -13.42
CA LEU A 371 -10.82 23.11 -14.44
C LEU A 371 -11.66 22.24 -15.37
N PRO A 372 -11.11 21.88 -16.55
CA PRO A 372 -11.81 20.86 -17.34
C PRO A 372 -12.09 19.61 -16.50
N PRO A 373 -13.36 19.15 -16.44
CA PRO A 373 -13.65 17.87 -15.76
C PRO A 373 -12.73 16.73 -16.21
N GLU A 374 -12.25 16.82 -17.45
CA GLU A 374 -11.15 16.00 -17.99
C GLU A 374 -9.90 15.96 -17.10
N GLN A 375 -9.47 17.13 -16.65
CA GLN A 375 -8.18 17.30 -15.98
C GLN A 375 -8.15 16.74 -14.55
N LEU A 376 -9.31 16.54 -13.92
CA LEU A 376 -9.37 15.87 -12.61
C LEU A 376 -9.46 14.36 -12.73
N ALA A 377 -9.61 13.85 -13.96
CA ALA A 377 -9.58 12.41 -14.21
C ALA A 377 -8.13 11.89 -14.37
N VAL A 378 -7.28 12.68 -15.03
CA VAL A 378 -5.92 12.28 -15.38
C VAL A 378 -4.90 12.70 -14.29
N ARG A 379 -4.90 13.98 -13.93
CA ARG A 379 -3.90 14.55 -13.00
C ARG A 379 -4.26 14.42 -11.52
N LEU A 380 -5.55 14.29 -11.21
CA LEU A 380 -6.03 14.27 -9.82
C LEU A 380 -7.15 13.23 -9.57
N PRO A 381 -6.90 11.95 -9.88
CA PRO A 381 -7.87 10.89 -9.56
C PRO A 381 -7.86 10.48 -8.09
N GLY A 382 -6.71 10.56 -7.44
CA GLY A 382 -6.55 10.14 -6.05
C GLY A 382 -7.27 11.02 -5.04
N ILE A 383 -7.25 12.33 -5.27
CA ILE A 383 -8.01 13.28 -4.46
C ILE A 383 -9.47 13.46 -4.92
N SER A 384 -9.80 13.02 -6.14
CA SER A 384 -11.20 12.98 -6.58
C SER A 384 -11.95 11.99 -5.71
N GLU A 385 -11.41 10.77 -5.60
CA GLU A 385 -11.94 9.71 -4.74
C GLU A 385 -11.99 10.07 -3.24
N THR A 386 -10.83 10.39 -2.68
CA THR A 386 -10.67 10.52 -1.21
C THR A 386 -11.17 11.87 -0.64
N ALA A 387 -11.33 12.88 -1.48
CA ALA A 387 -12.06 14.11 -1.07
C ALA A 387 -13.54 13.81 -1.02
N MET A 388 -14.01 13.01 -1.98
CA MET A 388 -15.37 12.46 -1.96
C MET A 388 -15.61 11.58 -0.73
N ILE A 389 -14.78 10.55 -0.55
CA ILE A 389 -14.98 9.55 0.51
C ILE A 389 -15.01 10.16 1.92
N PHE A 390 -14.06 11.06 2.22
CA PHE A 390 -13.93 11.63 3.57
C PHE A 390 -14.69 12.94 3.74
N ALA A 391 -15.20 13.50 2.66
CA ALA A 391 -15.97 14.74 2.72
C ALA A 391 -17.37 14.67 2.10
N GLY A 392 -17.68 13.61 1.35
CA GLY A 392 -18.93 13.53 0.61
C GLY A 392 -19.04 14.68 -0.40
N VAL A 393 -17.91 14.97 -1.06
CA VAL A 393 -17.77 16.13 -1.95
C VAL A 393 -17.37 15.72 -3.38
N ASP A 394 -18.16 16.15 -4.36
CA ASP A 394 -17.84 15.93 -5.78
C ASP A 394 -16.87 16.98 -6.28
N VAL A 395 -15.58 16.63 -6.28
CA VAL A 395 -14.49 17.57 -6.61
C VAL A 395 -14.74 18.37 -7.91
N THR A 396 -15.42 17.73 -8.86
CA THR A 396 -15.64 18.32 -10.19
C THR A 396 -16.72 19.42 -10.21
N LYS A 397 -17.59 19.46 -9.20
CA LYS A 397 -18.64 20.49 -9.11
C LYS A 397 -18.66 21.31 -7.80
N GLU A 398 -17.93 20.82 -6.80
CA GLU A 398 -17.89 21.45 -5.47
C GLU A 398 -16.44 21.77 -5.08
N PRO A 399 -16.18 23.00 -4.59
CA PRO A 399 -14.91 23.28 -3.90
C PRO A 399 -14.74 22.47 -2.59
N ILE A 400 -13.48 22.20 -2.20
CA ILE A 400 -13.13 21.25 -1.13
C ILE A 400 -12.92 21.93 0.25
N PRO A 401 -13.50 21.38 1.35
CA PRO A 401 -13.26 21.91 2.72
C PRO A 401 -11.89 21.54 3.35
N VAL A 402 -10.95 22.51 3.40
CA VAL A 402 -9.57 22.28 3.90
C VAL A 402 -9.19 23.16 5.11
N LEU A 403 -7.94 23.03 5.57
CA LEU A 403 -7.46 23.68 6.80
C LEU A 403 -5.98 23.34 7.02
N PRO A 404 -5.14 24.33 7.40
CA PRO A 404 -3.73 24.00 7.65
C PRO A 404 -3.50 23.02 8.81
N THR A 405 -2.87 21.88 8.51
CA THR A 405 -2.53 20.88 9.54
C THR A 405 -1.08 20.43 9.34
N VAL A 406 -0.49 19.85 10.39
CA VAL A 406 0.91 19.39 10.38
C VAL A 406 1.14 18.42 9.22
N HIS A 407 2.32 18.48 8.61
CA HIS A 407 2.55 17.71 7.40
C HIS A 407 3.93 17.09 7.23
N TYR A 408 4.98 17.89 7.41
CA TYR A 408 6.34 17.46 7.16
C TYR A 408 7.24 18.01 8.26
N ASN A 409 8.33 17.31 8.53
CA ASN A 409 9.30 17.74 9.52
C ASN A 409 10.68 17.97 8.91
N MET A 410 10.99 19.24 8.63
CA MET A 410 12.33 19.60 8.11
C MET A 410 13.43 19.47 9.17
N GLY A 411 13.03 19.28 10.42
CA GLY A 411 13.95 18.87 11.45
C GLY A 411 14.17 17.38 11.40
N GLY A 412 15.18 16.95 12.16
CA GLY A 412 15.49 15.54 12.29
C GLY A 412 16.92 15.33 12.76
N ILE A 413 17.51 14.21 12.35
CA ILE A 413 18.86 13.86 12.74
C ILE A 413 19.84 14.67 11.90
N PRO A 414 20.77 15.42 12.54
CA PRO A 414 21.71 16.25 11.78
C PRO A 414 22.67 15.41 10.94
N THR A 415 22.92 15.89 9.72
CA THR A 415 23.58 15.10 8.68
C THR A 415 24.48 15.93 7.77
N ASN A 416 25.60 15.31 7.36
CA ASN A 416 26.32 15.64 6.13
C ASN A 416 25.45 15.77 4.87
N TYR A 417 26.04 16.28 3.78
CA TYR A 417 25.44 16.10 2.46
C TYR A 417 25.65 14.66 2.01
N LYS A 418 26.69 14.05 2.58
CA LYS A 418 26.96 12.61 2.42
C LYS A 418 26.03 11.66 3.17
N GLY A 419 25.20 12.16 4.08
CA GLY A 419 24.33 11.26 4.85
C GLY A 419 24.89 10.81 6.22
N GLN A 420 26.15 11.16 6.47
CA GLN A 420 26.80 10.86 7.73
C GLN A 420 26.23 11.75 8.82
N VAL A 421 25.92 11.14 9.96
CA VAL A 421 25.26 11.83 11.05
C VAL A 421 26.27 12.57 11.90
N LEU A 422 25.95 13.81 12.22
CA LEU A 422 26.87 14.69 12.95
C LEU A 422 26.49 14.86 14.41
N ARG A 423 27.54 15.02 15.21
CA ARG A 423 27.42 15.50 16.59
C ARG A 423 28.09 16.88 16.67
N HIS A 424 28.03 17.51 17.83
CA HIS A 424 28.62 18.82 18.00
C HIS A 424 29.69 18.74 19.09
N VAL A 425 30.94 18.94 18.71
CA VAL A 425 32.06 18.78 19.62
C VAL A 425 32.92 20.04 19.59
N ASN A 426 33.02 20.72 20.75
CA ASN A 426 33.77 21.95 20.89
C ASN A 426 33.34 22.99 19.85
N GLY A 427 32.03 23.07 19.61
CA GLY A 427 31.48 24.03 18.66
C GLY A 427 31.75 23.76 17.18
N GLN A 428 32.17 22.55 16.83
CA GLN A 428 32.36 22.17 15.43
C GLN A 428 31.76 20.80 15.16
N ASP A 429 31.69 20.45 13.88
CA ASP A 429 31.04 19.22 13.47
C ASP A 429 31.97 18.02 13.54
N GLN A 430 31.40 16.88 13.89
CA GLN A 430 32.12 15.64 13.97
C GLN A 430 31.24 14.50 13.47
N VAL A 431 31.73 13.77 12.48
CA VAL A 431 31.04 12.61 11.97
C VAL A 431 30.98 11.56 13.06
N VAL A 432 29.80 10.97 13.25
CA VAL A 432 29.67 9.81 14.09
C VAL A 432 30.04 8.63 13.21
N PRO A 433 31.02 7.81 13.64
CA PRO A 433 31.36 6.64 12.84
C PRO A 433 30.22 5.64 12.75
N GLY A 434 30.04 5.07 11.56
CA GLY A 434 29.08 3.98 11.31
C GLY A 434 27.60 4.31 11.40
N LEU A 435 27.24 5.60 11.36
CA LEU A 435 25.85 6.02 11.56
C LEU A 435 25.43 7.07 10.55
N TYR A 436 24.35 6.78 9.82
CA TYR A 436 23.85 7.63 8.73
C TYR A 436 22.36 7.86 8.92
N ALA A 437 21.82 8.82 8.20
CA ALA A 437 20.37 9.03 8.18
C ALA A 437 19.96 9.64 6.86
N CYS A 438 18.68 9.51 6.51
CA CYS A 438 18.09 10.18 5.33
C CYS A 438 16.54 10.21 5.32
N GLY A 439 15.98 11.13 4.53
CA GLY A 439 14.53 11.32 4.46
C GLY A 439 13.99 12.22 5.55
N GLU A 440 12.68 12.19 5.78
CA GLU A 440 12.02 13.10 6.74
C GLU A 440 12.67 12.97 8.14
N ALA A 441 13.06 11.75 8.47
CA ALA A 441 13.76 11.45 9.72
C ALA A 441 15.01 12.27 9.88
N ALA A 442 15.73 12.46 8.78
CA ALA A 442 17.01 13.14 8.82
C ALA A 442 16.88 14.63 8.64
N CYS A 443 18.02 15.29 8.72
CA CYS A 443 18.10 16.72 8.54
C CYS A 443 19.54 17.10 8.16
N ALA A 444 19.82 17.07 6.87
CA ALA A 444 20.93 17.82 6.31
C ALA A 444 20.42 19.25 6.16
N SER A 445 19.11 19.41 6.43
CA SER A 445 18.35 20.64 6.22
C SER A 445 18.69 21.19 4.84
N VAL A 446 18.30 20.39 3.85
CA VAL A 446 18.21 20.80 2.47
C VAL A 446 16.91 21.62 2.31
N HIS A 447 16.04 21.53 3.33
CA HIS A 447 14.79 22.28 3.41
C HIS A 447 14.82 23.47 4.37
N GLY A 448 15.83 23.54 5.22
CA GLY A 448 15.93 24.61 6.22
C GLY A 448 14.67 24.84 7.05
N ALA A 449 14.10 26.03 6.90
CA ALA A 449 12.95 26.47 7.71
C ALA A 449 11.62 26.27 7.00
N ASN A 450 11.69 25.84 5.74
CA ASN A 450 10.49 25.57 4.98
C ASN A 450 10.82 24.71 3.77
N ARG A 451 10.24 23.51 3.74
CA ARG A 451 10.39 22.62 2.61
C ARG A 451 9.61 23.17 1.41
N LEU A 452 10.22 23.02 0.24
CA LEU A 452 9.61 23.39 -1.02
C LEU A 452 8.76 22.20 -1.51
N GLY A 453 7.55 22.45 -1.96
CA GLY A 453 6.66 21.37 -2.43
C GLY A 453 7.34 20.45 -3.43
N ALA A 454 7.27 19.14 -3.17
CA ALA A 454 7.82 18.11 -4.08
C ALA A 454 9.33 17.94 -4.02
N ASN A 455 9.95 18.39 -2.94
CA ASN A 455 11.38 18.16 -2.71
C ASN A 455 11.65 16.98 -1.80
N SER A 456 10.67 16.56 -0.98
CA SER A 456 10.92 15.46 -0.03
C SER A 456 11.01 14.10 -0.67
N LEU A 457 10.21 13.87 -1.70
CA LEU A 457 10.37 12.65 -2.47
C LEU A 457 11.71 12.65 -3.17
N LEU A 458 12.14 13.80 -3.69
CA LEU A 458 13.47 13.91 -4.28
C LEU A 458 14.58 13.62 -3.27
N ASP A 459 14.48 14.30 -2.14
CA ASP A 459 15.28 14.07 -0.95
C ASP A 459 15.52 12.58 -0.72
N LEU A 460 14.42 11.82 -0.64
CA LEU A 460 14.49 10.40 -0.30
C LEU A 460 15.45 9.69 -1.21
N VAL A 461 15.17 9.84 -2.50
CA VAL A 461 15.85 9.13 -3.57
C VAL A 461 17.32 9.51 -3.62
N VAL A 462 17.62 10.77 -3.34
CA VAL A 462 18.96 11.31 -3.53
C VAL A 462 19.89 10.96 -2.39
N PHE A 463 19.43 11.24 -1.19
CA PHE A 463 20.22 11.00 0.01
C PHE A 463 20.18 9.53 0.41
N GLY A 464 19.02 8.89 0.27
CA GLY A 464 18.97 7.43 0.35
C GLY A 464 20.14 6.84 -0.43
N ARG A 465 20.24 7.25 -1.69
CA ARG A 465 21.31 6.83 -2.61
C ARG A 465 22.67 7.32 -2.17
N ALA A 466 22.71 8.46 -1.50
CA ALA A 466 23.97 9.03 -1.02
C ALA A 466 24.59 8.20 0.11
N CYS A 467 23.76 7.77 1.06
CA CYS A 467 24.25 6.99 2.20
C CYS A 467 24.85 5.70 1.68
N ALA A 468 24.11 5.07 0.77
CA ALA A 468 24.57 3.85 0.11
C ALA A 468 25.94 4.08 -0.46
N LEU A 469 26.05 5.17 -1.21
CA LEU A 469 27.30 5.54 -1.87
C LEU A 469 28.46 5.88 -0.93
N SER A 470 28.15 6.54 0.18
CA SER A 470 29.17 6.91 1.16
C SER A 470 29.78 5.68 1.79
N ILE A 471 28.98 4.62 1.89
CA ILE A 471 29.45 3.40 2.52
C ILE A 471 30.20 2.59 1.50
N ALA A 472 29.68 2.50 0.28
CA ALA A 472 30.42 1.91 -0.83
C ALA A 472 31.83 2.50 -0.90
N GLU A 473 31.88 3.83 -0.93
CA GLU A 473 33.15 4.54 -1.08
C GLU A 473 34.15 4.31 0.07
N SER A 474 33.66 4.26 1.30
CA SER A 474 34.55 4.32 2.46
C SER A 474 34.85 2.97 3.11
N CYS A 475 34.17 1.91 2.70
CA CYS A 475 34.51 0.58 3.20
C CYS A 475 34.15 -0.50 2.21
N ARG A 476 34.62 -1.71 2.48
CA ARG A 476 34.33 -2.88 1.64
C ARG A 476 33.32 -3.81 2.33
N PRO A 477 32.52 -4.56 1.56
CA PRO A 477 31.71 -5.58 2.19
C PRO A 477 32.64 -6.66 2.73
N GLY A 478 32.25 -7.31 3.83
CA GLY A 478 33.11 -8.26 4.51
C GLY A 478 33.93 -7.64 5.63
N ASP A 479 34.37 -6.39 5.45
CA ASP A 479 35.16 -5.71 6.48
C ASP A 479 34.69 -6.06 7.91
N LYS A 480 35.67 -6.21 8.80
CA LYS A 480 35.41 -6.67 10.16
C LYS A 480 34.24 -5.93 10.78
N VAL A 481 33.19 -6.67 11.12
CA VAL A 481 32.04 -6.11 11.83
C VAL A 481 32.40 -5.97 13.32
N PRO A 482 32.36 -4.74 13.86
CA PRO A 482 33.02 -4.57 15.15
C PRO A 482 32.31 -5.33 16.25
N SER A 483 33.02 -5.61 17.34
CA SER A 483 32.48 -6.36 18.48
C SER A 483 31.26 -5.71 19.16
N ILE A 484 30.78 -6.30 20.24
CA ILE A 484 29.61 -5.80 20.95
C ILE A 484 29.55 -6.42 22.34
N LYS A 485 29.60 -5.59 23.38
CA LYS A 485 29.37 -6.04 24.76
C LYS A 485 28.20 -7.02 24.84
N PRO A 486 28.37 -8.17 25.52
CA PRO A 486 27.21 -9.04 25.74
C PRO A 486 26.07 -8.34 26.48
N ASN A 487 26.39 -7.44 27.39
CA ASN A 487 25.36 -6.60 28.01
C ASN A 487 24.69 -5.56 27.09
N ALA A 488 25.16 -5.43 25.85
CA ALA A 488 24.72 -4.32 24.98
C ALA A 488 23.30 -4.52 24.53
N GLY A 489 22.49 -3.47 24.69
CA GLY A 489 21.06 -3.54 24.41
C GLY A 489 20.21 -3.82 25.64
N GLU A 490 20.89 -4.18 26.73
CA GLU A 490 20.26 -4.54 28.02
C GLU A 490 19.12 -3.62 28.47
N GLU A 491 19.30 -2.32 28.27
CA GLU A 491 18.37 -1.33 28.80
C GLU A 491 17.15 -1.08 27.93
N SER A 492 17.30 -1.30 26.62
CA SER A 492 16.17 -1.18 25.68
C SER A 492 15.11 -2.21 26.04
N VAL A 493 15.59 -3.42 26.39
CA VAL A 493 14.74 -4.51 26.84
C VAL A 493 14.11 -4.22 28.19
N MET A 494 14.91 -3.85 29.19
CA MET A 494 14.40 -3.49 30.52
C MET A 494 13.25 -2.50 30.39
N ASN A 495 13.44 -1.48 29.55
CA ASN A 495 12.38 -0.51 29.26
C ASN A 495 11.16 -1.19 28.60
N LEU A 496 11.43 -2.09 27.66
CA LEU A 496 10.41 -2.91 27.00
C LEU A 496 9.52 -3.58 28.04
N ASP A 497 10.16 -4.28 28.97
CA ASP A 497 9.49 -5.09 29.97
C ASP A 497 8.68 -4.29 30.97
N LYS A 498 9.20 -3.15 31.40
CA LYS A 498 8.50 -2.35 32.41
C LYS A 498 7.22 -1.76 31.80
N LEU A 499 7.27 -1.34 30.54
CA LEU A 499 6.07 -0.89 29.80
C LEU A 499 5.08 -2.01 29.53
N ARG A 500 5.60 -3.23 29.37
CA ARG A 500 4.79 -4.38 29.01
C ARG A 500 3.84 -4.69 30.15
N PHE A 501 4.36 -4.62 31.37
CA PHE A 501 3.60 -4.90 32.60
C PHE A 501 3.17 -3.67 33.39
N ALA A 502 3.09 -2.50 32.75
CA ALA A 502 2.81 -1.26 33.49
C ALA A 502 1.41 -1.24 34.07
N ASN A 503 1.32 -1.18 35.41
CA ASN A 503 0.05 -1.20 36.15
C ASN A 503 -0.37 0.17 36.68
N GLY A 504 0.03 1.23 35.98
CA GLY A 504 -0.12 2.58 36.50
C GLY A 504 -1.53 3.15 36.42
N THR A 505 -1.63 4.46 36.51
CA THR A 505 -2.94 5.15 36.60
C THR A 505 -3.41 5.71 35.25
N ILE A 506 -2.50 6.26 34.44
CA ILE A 506 -2.89 6.89 33.17
C ILE A 506 -2.72 5.92 32.00
N ARG A 507 -3.63 6.00 31.03
CA ARG A 507 -3.62 5.10 29.88
C ARG A 507 -2.81 5.69 28.73
N THR A 508 -2.10 4.83 28.01
CA THR A 508 -1.30 5.21 26.84
C THR A 508 -2.05 6.14 25.88
N SER A 509 -3.29 5.80 25.55
CA SER A 509 -4.08 6.63 24.64
C SER A 509 -4.35 8.04 25.19
N GLU A 510 -4.72 8.14 26.47
CA GLU A 510 -5.08 9.43 27.09
C GLU A 510 -3.87 10.34 27.25
N LEU A 511 -2.76 9.76 27.70
CA LEU A 511 -1.49 10.48 27.81
C LEU A 511 -1.09 11.05 26.46
N ARG A 512 -1.17 10.21 25.42
CA ARG A 512 -0.87 10.62 24.04
C ARG A 512 -1.75 11.77 23.61
N LEU A 513 -3.03 11.70 23.96
CA LEU A 513 -4.00 12.70 23.58
C LEU A 513 -3.76 14.05 24.26
N SER A 514 -3.20 14.03 25.47
CA SER A 514 -2.80 15.28 26.14
C SER A 514 -1.67 15.95 25.36
N MET A 515 -0.62 15.18 25.06
CA MET A 515 0.52 15.65 24.28
C MET A 515 0.08 16.29 22.97
N GLN A 516 -0.80 15.60 22.25
CA GLN A 516 -1.23 16.03 20.92
C GLN A 516 -1.95 17.38 20.92
N LYS A 517 -2.96 17.51 21.77
CA LYS A 517 -3.72 18.74 21.87
C LYS A 517 -2.90 19.86 22.52
N SER A 518 -1.89 19.49 23.33
CA SER A 518 -0.94 20.48 23.85
C SER A 518 -0.06 21.05 22.74
N MET A 519 0.64 20.15 22.03
CA MET A 519 1.49 20.56 20.91
C MET A 519 0.66 21.30 19.87
N GLN A 520 -0.62 20.94 19.79
CA GLN A 520 -1.60 21.62 18.94
C GLN A 520 -1.91 23.05 19.41
N SER A 521 -2.24 23.21 20.68
CA SER A 521 -2.64 24.54 21.19
C SER A 521 -1.45 25.45 21.58
N HIS A 522 -0.22 24.93 21.54
CA HIS A 522 0.97 25.72 21.88
C HIS A 522 2.08 25.80 20.82
N ALA A 523 2.18 24.80 19.94
CA ALA A 523 3.24 24.78 18.94
C ALA A 523 2.65 24.89 17.54
N ALA A 524 1.60 25.69 17.41
CA ALA A 524 0.81 25.78 16.18
C ALA A 524 1.50 26.63 15.10
N VAL A 525 0.67 27.16 14.18
CA VAL A 525 1.13 27.98 13.04
C VAL A 525 1.64 29.32 13.51
N PHE A 526 0.96 29.89 14.51
CA PHE A 526 1.39 31.12 15.17
C PHE A 526 1.68 30.82 16.62
N ARG A 527 2.64 31.54 17.21
CA ARG A 527 3.05 31.27 18.58
C ARG A 527 3.74 32.47 19.22
N VAL A 528 3.74 32.51 20.55
CA VAL A 528 4.48 33.56 21.32
C VAL A 528 5.04 32.97 22.59
N GLY A 529 6.07 33.64 23.12
CA GLY A 529 6.77 33.15 24.32
C GLY A 529 5.88 32.74 25.49
N SER A 530 4.77 33.45 25.68
CA SER A 530 3.82 33.17 26.75
C SER A 530 3.18 31.79 26.54
N VAL A 531 2.44 31.65 25.45
CA VAL A 531 1.83 30.38 25.05
C VAL A 531 2.86 29.23 25.03
N LEU A 532 3.99 29.46 24.36
CA LEU A 532 5.05 28.44 24.23
C LEU A 532 5.54 27.94 25.59
N GLN A 533 5.91 28.86 26.48
CA GLN A 533 6.44 28.48 27.79
C GLN A 533 5.45 27.67 28.60
N GLU A 534 4.19 28.12 28.62
CA GLU A 534 3.13 27.36 29.28
C GLU A 534 3.06 25.95 28.68
N GLY A 535 3.17 25.86 27.35
CA GLY A 535 3.24 24.57 26.65
C GLY A 535 4.43 23.73 27.09
N CYS A 536 5.61 24.34 27.17
CA CYS A 536 6.84 23.64 27.58
C CYS A 536 6.75 22.97 28.96
N GLU A 537 6.33 23.73 29.98
CA GLU A 537 6.17 23.18 31.34
C GLU A 537 5.01 22.18 31.38
N LYS A 538 4.00 22.43 30.53
CA LYS A 538 2.84 21.56 30.39
C LYS A 538 3.19 20.22 29.76
N ILE A 539 4.14 20.26 28.82
CA ILE A 539 4.58 19.07 28.10
C ILE A 539 5.68 18.36 28.90
N LEU A 540 6.44 19.13 29.69
CA LEU A 540 7.44 18.55 30.59
C LEU A 540 6.78 17.82 31.75
N ARG A 541 5.61 18.29 32.16
CA ARG A 541 4.84 17.57 33.14
C ARG A 541 4.48 16.21 32.55
N LEU A 542 3.93 16.22 31.34
CA LEU A 542 3.47 14.99 30.70
C LEU A 542 4.59 13.93 30.53
N TYR A 543 5.82 14.38 30.27
CA TYR A 543 6.96 13.45 30.19
C TYR A 543 7.21 12.78 31.54
N GLY A 544 7.01 13.55 32.62
CA GLY A 544 7.02 13.00 33.96
C GLY A 544 5.94 11.93 34.03
N ASP A 545 4.73 12.29 33.62
CA ASP A 545 3.54 11.42 33.71
C ASP A 545 3.79 10.00 33.15
N LEU A 546 4.72 9.89 32.19
CA LEU A 546 5.10 8.59 31.61
C LEU A 546 5.38 7.48 32.63
N GLN A 547 5.83 7.84 33.83
CA GLN A 547 6.09 6.82 34.84
C GLN A 547 4.78 6.25 35.38
N HIS A 548 3.72 7.05 35.31
CA HIS A 548 2.40 6.62 35.75
C HIS A 548 1.67 5.64 34.79
N LEU A 549 2.10 5.48 33.55
CA LEU A 549 1.16 5.01 32.50
C LEU A 549 0.69 3.54 32.54
N LYS A 550 -0.50 3.32 31.98
CA LYS A 550 -1.20 2.04 32.05
C LYS A 550 -1.37 1.38 30.69
N THR A 551 -0.71 0.23 30.54
CA THR A 551 -0.92 -0.69 29.43
C THR A 551 -1.82 -1.81 29.99
N PHE A 552 -2.48 -2.57 29.12
CA PHE A 552 -3.31 -3.72 29.54
C PHE A 552 -2.82 -5.03 28.92
N ASP A 553 -2.78 -5.07 27.59
CA ASP A 553 -2.35 -6.26 26.87
C ASP A 553 -0.93 -6.61 27.33
N ARG A 554 -0.74 -7.88 27.65
CA ARG A 554 0.47 -8.36 28.31
C ARG A 554 1.11 -9.55 27.60
N GLY A 555 0.79 -9.75 26.32
CA GLY A 555 1.34 -10.88 25.55
C GLY A 555 2.65 -10.55 24.85
N MET A 556 3.20 -11.55 24.18
CA MET A 556 4.43 -11.40 23.37
C MET A 556 4.14 -11.10 21.89
N VAL A 557 3.19 -11.88 21.37
CA VAL A 557 2.80 -11.83 19.97
C VAL A 557 1.94 -10.61 19.68
N TRP A 558 2.36 -9.84 18.67
CA TRP A 558 1.63 -8.65 18.20
C TRP A 558 1.03 -7.81 19.29
N ASN A 559 1.90 -7.21 20.09
CA ASN A 559 1.45 -6.37 21.16
C ASN A 559 1.30 -4.91 20.71
N THR A 560 0.22 -4.64 19.99
CA THR A 560 -0.11 -3.26 19.57
C THR A 560 -0.11 -2.25 20.73
N ASP A 561 -0.51 -2.70 21.91
CA ASP A 561 -0.55 -1.82 23.08
C ASP A 561 0.85 -1.44 23.49
N LEU A 562 1.69 -2.46 23.70
CA LEU A 562 3.08 -2.27 24.11
C LEU A 562 3.86 -1.36 23.17
N VAL A 563 3.66 -1.51 21.86
CA VAL A 563 4.41 -0.69 20.91
C VAL A 563 3.78 0.67 20.75
N GLU A 564 2.44 0.74 20.69
CA GLU A 564 1.81 2.06 20.58
C GLU A 564 2.22 2.96 21.75
N THR A 565 2.81 2.36 22.78
CA THR A 565 3.31 3.07 23.96
C THR A 565 4.81 3.37 23.83
N LEU A 566 5.57 2.40 23.34
CA LEU A 566 6.95 2.64 22.97
C LEU A 566 7.01 3.80 21.99
N GLU A 567 6.02 3.83 21.08
CA GLU A 567 5.87 4.90 20.10
C GLU A 567 5.63 6.22 20.82
N LEU A 568 4.82 6.18 21.89
CA LEU A 568 4.55 7.37 22.68
C LEU A 568 5.80 7.93 23.35
N GLN A 569 6.58 7.08 24.01
CA GLN A 569 7.88 7.50 24.53
C GLN A 569 8.59 8.33 23.47
N ASN A 570 8.79 7.71 22.31
CA ASN A 570 9.47 8.36 21.19
C ASN A 570 8.85 9.72 20.83
N LEU A 571 7.52 9.77 20.75
CA LEU A 571 6.82 11.01 20.40
C LEU A 571 7.08 12.17 21.38
N MET A 572 7.13 11.88 22.68
CA MET A 572 7.42 12.91 23.70
C MET A 572 8.80 13.54 23.49
N LEU A 573 9.79 12.70 23.23
CA LEU A 573 11.13 13.18 23.00
C LEU A 573 11.16 14.16 21.82
N CYS A 574 10.44 13.82 20.77
CA CYS A 574 10.36 14.71 19.63
C CYS A 574 9.62 16.02 20.00
N ALA A 575 8.55 15.90 20.78
CA ALA A 575 7.77 17.06 21.22
C ALA A 575 8.48 17.93 22.26
N LEU A 576 9.19 17.31 23.19
CA LEU A 576 10.04 18.06 24.12
C LEU A 576 10.97 18.98 23.35
N GLN A 577 11.71 18.38 22.43
CA GLN A 577 12.70 19.11 21.65
C GLN A 577 12.05 20.12 20.68
N THR A 578 10.88 19.77 20.14
CA THR A 578 10.16 20.65 19.23
C THR A 578 9.71 21.94 19.90
N ILE A 579 9.08 21.84 21.06
CA ILE A 579 8.48 23.01 21.73
C ILE A 579 9.52 23.90 22.42
N TYR A 580 10.44 23.29 23.18
CA TYR A 580 11.51 24.03 23.88
C TYR A 580 12.41 24.79 22.94
N GLY A 581 12.67 24.18 21.77
CA GLY A 581 13.49 24.79 20.74
C GLY A 581 12.77 25.98 20.18
N ALA A 582 11.46 25.82 19.97
CA ALA A 582 10.62 26.86 19.37
C ALA A 582 10.48 28.08 20.26
N GLU A 583 10.47 27.87 21.58
CA GLU A 583 10.36 28.97 22.54
C GLU A 583 11.70 29.69 22.71
N ALA A 584 12.80 28.99 22.43
CA ALA A 584 14.12 29.60 22.42
C ALA A 584 14.32 30.44 21.16
N ARG A 585 13.74 30.02 20.03
CA ARG A 585 13.97 30.73 18.78
C ARG A 585 13.14 32.00 18.77
N LYS A 586 13.84 33.13 18.88
CA LYS A 586 13.20 34.44 18.99
C LYS A 586 13.25 35.20 17.66
N GLU A 587 12.61 34.59 16.64
CA GLU A 587 12.49 35.20 15.32
C GLU A 587 11.38 34.51 14.54
N SER A 588 11.09 35.05 13.36
CA SER A 588 10.19 34.39 12.43
C SER A 588 10.93 34.09 11.13
N ARG A 589 11.28 32.83 10.94
CA ARG A 589 11.90 32.39 9.71
C ARG A 589 11.12 31.17 9.31
N GLY A 590 10.80 31.04 8.05
CA GLY A 590 10.10 29.88 7.59
C GLY A 590 8.76 29.65 8.24
N ALA A 591 8.55 28.44 8.72
CA ALA A 591 7.27 28.04 9.26
C ALA A 591 7.20 28.29 10.73
N HIS A 592 8.30 28.76 11.29
CA HIS A 592 8.34 29.27 12.65
C HIS A 592 8.01 30.76 12.59
N ALA A 593 6.82 31.13 13.06
CA ALA A 593 6.37 32.53 13.04
C ALA A 593 5.96 32.99 14.44
N ARG A 594 6.82 33.82 15.04
CA ARG A 594 6.55 34.41 16.34
C ARG A 594 5.83 35.75 16.15
N GLU A 595 4.86 36.04 16.99
CA GLU A 595 4.15 37.34 16.97
C GLU A 595 4.97 38.40 17.73
N ASP A 596 5.75 37.94 18.71
CA ASP A 596 6.64 38.85 19.47
C ASP A 596 7.95 39.20 18.76
N PHE A 597 8.34 38.40 17.76
CA PHE A 597 9.57 38.66 16.98
C PHE A 597 9.27 38.40 15.50
N LYS A 598 8.54 39.32 14.90
CA LYS A 598 8.04 39.15 13.54
C LYS A 598 9.19 39.25 12.52
N GLU A 599 10.40 39.40 13.05
CA GLU A 599 11.55 39.85 12.28
C GLU A 599 12.47 38.69 11.97
N ARG A 600 12.94 38.63 10.72
CA ARG A 600 13.89 37.60 10.30
C ARG A 600 15.30 38.04 10.71
N VAL A 601 15.84 37.43 11.76
CA VAL A 601 17.12 37.85 12.37
C VAL A 601 18.35 37.14 11.78
N ASP A 602 19.09 37.83 10.92
CA ASP A 602 20.29 37.27 10.29
C ASP A 602 21.56 37.77 10.98
N GLU A 603 22.71 37.51 10.38
CA GLU A 603 24.00 38.00 10.90
C GLU A 603 24.23 39.46 10.48
N TYR A 604 23.37 39.96 9.59
CA TYR A 604 23.32 41.37 9.22
C TYR A 604 21.86 41.83 9.27
N ASP A 605 21.57 42.93 8.58
CA ASP A 605 20.22 43.26 8.15
C ASP A 605 20.27 43.25 6.62
N TYR A 606 19.85 42.14 6.05
CA TYR A 606 20.00 41.90 4.61
C TYR A 606 19.00 42.65 3.73
N SER A 607 18.11 43.42 4.33
CA SER A 607 17.27 44.35 3.57
C SER A 607 18.10 45.56 3.13
N LYS A 608 18.74 46.24 4.09
CA LYS A 608 19.73 47.27 3.77
C LYS A 608 20.92 46.63 3.04
N PRO A 609 21.55 47.37 2.09
CA PRO A 609 22.79 46.87 1.46
C PRO A 609 23.92 46.57 2.46
N ILE A 610 24.75 45.60 2.13
CA ILE A 610 25.65 44.97 3.11
C ILE A 610 26.71 45.87 3.76
N GLN A 611 27.56 46.51 2.96
CA GLN A 611 28.78 47.11 3.50
C GLN A 611 28.48 48.29 4.43
N GLY A 612 29.35 48.49 5.42
CA GLY A 612 29.11 49.48 6.46
C GLY A 612 28.33 48.93 7.64
N GLN A 613 27.79 47.72 7.49
CA GLN A 613 27.10 47.03 8.59
C GLN A 613 28.15 46.46 9.54
N GLN A 614 27.80 46.39 10.82
CA GLN A 614 28.62 45.67 11.80
C GLN A 614 28.03 44.25 11.92
N LYS A 615 28.80 43.24 11.51
CA LYS A 615 28.31 41.86 11.55
C LYS A 615 28.01 41.43 12.96
N LYS A 616 26.88 40.74 13.15
CA LYS A 616 26.51 40.25 14.48
C LYS A 616 27.27 38.97 14.85
N PRO A 617 27.67 38.87 16.14
CA PRO A 617 28.39 37.70 16.61
C PRO A 617 27.45 36.49 16.72
N PHE A 618 28.02 35.29 16.64
CA PHE A 618 27.21 34.08 16.50
C PHE A 618 26.04 34.01 17.48
N GLN A 619 26.26 34.41 18.72
CA GLN A 619 25.27 34.23 19.80
C GLN A 619 24.24 35.38 19.90
N GLU A 620 24.15 36.21 18.86
CA GLU A 620 23.18 37.31 18.82
C GLU A 620 22.43 37.39 17.48
N HIS A 621 22.35 36.28 16.75
CA HIS A 621 21.47 36.20 15.58
C HIS A 621 20.98 34.78 15.37
N TRP A 622 19.76 34.66 14.85
CA TRP A 622 19.08 33.37 14.86
C TRP A 622 19.25 32.57 13.58
N ARG A 623 20.15 33.03 12.71
CA ARG A 623 20.47 32.30 11.48
C ARG A 623 21.47 31.18 11.77
N LYS A 624 20.97 30.13 12.41
CA LYS A 624 21.80 29.02 12.82
C LYS A 624 20.86 27.87 13.16
N HIS A 625 21.38 26.65 13.09
CA HIS A 625 20.58 25.47 13.40
C HIS A 625 20.45 25.27 14.89
N THR A 626 19.23 25.03 15.35
CA THR A 626 19.01 24.54 16.71
C THR A 626 19.51 23.10 16.81
N LEU A 627 20.39 22.83 17.78
CA LEU A 627 20.74 21.45 18.15
C LEU A 627 20.17 21.13 19.53
N SER A 628 19.16 20.28 19.60
CA SER A 628 18.56 19.94 20.90
C SER A 628 18.98 18.56 21.41
N TYR A 629 19.18 18.48 22.72
CA TYR A 629 19.41 17.22 23.44
C TYR A 629 18.29 17.07 24.47
N VAL A 630 18.20 15.90 25.10
CA VAL A 630 17.31 15.75 26.25
C VAL A 630 17.82 14.69 27.21
N ASP A 631 17.87 15.04 28.50
CA ASP A 631 18.23 14.09 29.54
C ASP A 631 17.12 13.05 29.63
N VAL A 632 17.47 11.82 29.27
CA VAL A 632 16.51 10.71 29.16
C VAL A 632 15.64 10.63 30.42
N LYS A 633 16.29 10.79 31.59
CA LYS A 633 15.68 10.48 32.88
C LYS A 633 14.86 11.60 33.52
N THR A 634 15.08 12.85 33.11
CA THR A 634 14.35 13.98 33.68
C THR A 634 13.55 14.80 32.66
N GLY A 635 13.60 14.41 31.39
CA GLY A 635 12.92 15.16 30.31
C GLY A 635 13.53 16.52 30.12
N LYS A 636 14.81 16.65 30.46
CA LYS A 636 15.46 17.94 30.60
C LYS A 636 16.19 18.32 29.30
N VAL A 637 15.60 19.27 28.58
CA VAL A 637 16.13 19.72 27.32
C VAL A 637 17.29 20.68 27.55
N SER A 638 18.47 20.32 27.06
CA SER A 638 19.53 21.29 26.85
C SER A 638 19.57 21.51 25.35
N LEU A 639 19.95 22.71 24.91
CA LEU A 639 20.09 22.98 23.48
C LEU A 639 21.25 23.90 23.15
N GLU A 640 21.70 23.81 21.90
CA GLU A 640 22.91 24.49 21.42
C GLU A 640 22.70 24.85 19.96
N TYR A 641 23.74 25.37 19.31
CA TYR A 641 23.61 25.84 17.95
C TYR A 641 24.85 25.60 17.09
N ARG A 642 24.60 25.29 15.82
CA ARG A 642 25.68 25.21 14.87
C ARG A 642 25.29 26.04 13.65
N PRO A 643 26.28 26.65 12.99
CA PRO A 643 25.98 27.58 11.93
C PRO A 643 25.56 26.83 10.70
N VAL A 644 24.72 27.46 9.87
CA VAL A 644 24.32 26.85 8.62
C VAL A 644 25.51 26.94 7.69
N ILE A 645 25.38 26.31 6.52
CA ILE A 645 26.46 26.22 5.56
C ILE A 645 26.03 27.01 4.33
N ASP A 646 26.95 27.77 3.75
CA ASP A 646 26.61 28.64 2.61
C ASP A 646 27.41 28.38 1.35
N LYS A 647 28.70 28.13 1.52
CA LYS A 647 29.52 27.51 0.48
C LYS A 647 28.78 26.31 -0.12
N THR A 648 28.59 26.33 -1.43
CA THR A 648 28.11 25.18 -2.15
C THR A 648 29.27 24.21 -2.33
N LEU A 649 29.06 23.12 -3.08
CA LEU A 649 30.14 22.18 -3.41
C LEU A 649 31.15 22.69 -4.42
N ASN A 650 30.83 23.79 -5.11
CA ASN A 650 31.78 24.43 -6.01
C ASN A 650 31.21 25.72 -6.57
N GLU A 651 31.89 26.84 -6.29
CA GLU A 651 31.40 28.15 -6.67
C GLU A 651 31.24 28.24 -8.19
N ALA A 652 32.24 27.75 -8.92
CA ALA A 652 32.22 27.75 -10.39
C ALA A 652 30.95 27.15 -11.02
N ASP A 653 30.51 26.03 -10.46
CA ASP A 653 29.38 25.28 -11.02
C ASP A 653 28.05 25.79 -10.48
N CYS A 654 27.98 26.02 -9.18
CA CYS A 654 26.77 26.53 -8.53
C CYS A 654 27.13 27.56 -7.45
N ALA A 655 26.78 28.82 -7.71
CA ALA A 655 27.28 29.94 -6.92
C ALA A 655 26.35 30.29 -5.78
N THR A 656 26.91 30.35 -4.57
CA THR A 656 26.18 30.68 -3.35
C THR A 656 25.20 31.84 -3.51
N VAL A 657 24.00 31.64 -2.96
CA VAL A 657 22.95 32.62 -2.99
C VAL A 657 22.88 33.21 -1.59
N PRO A 658 23.29 34.50 -1.43
CA PRO A 658 23.27 35.06 -0.07
C PRO A 658 21.86 35.50 0.36
N PRO A 659 21.62 35.55 1.68
CA PRO A 659 20.31 35.91 2.25
C PRO A 659 19.70 37.19 1.67
N ALA A 660 18.38 37.24 1.59
CA ALA A 660 17.68 38.37 1.00
C ALA A 660 16.28 38.49 1.59
N ILE A 661 15.56 39.57 1.25
CA ILE A 661 14.14 39.71 1.59
C ILE A 661 13.41 38.50 1.01
N ARG A 662 12.43 38.02 1.77
CA ARG A 662 11.77 36.75 1.49
C ARG A 662 10.27 37.00 1.26
N SER A 663 9.93 37.61 0.13
CA SER A 663 8.55 37.81 -0.28
C SER A 663 8.26 36.89 -1.46
N TYR A 664 7.16 36.12 -1.37
CA TYR A 664 6.77 35.16 -2.41
C TYR A 664 5.56 35.68 -3.19
N PRO B 37 -27.80 10.12 22.13
CA PRO B 37 -26.87 9.00 21.98
C PRO B 37 -27.36 7.88 21.07
N ARG B 38 -26.43 7.24 20.36
CA ARG B 38 -26.72 6.24 19.33
C ARG B 38 -25.72 5.08 19.40
N ILE B 39 -25.85 4.22 20.40
CA ILE B 39 -24.94 3.08 20.59
C ILE B 39 -25.05 2.07 19.43
N LYS B 40 -23.90 1.53 19.01
CA LYS B 40 -23.83 0.54 17.93
C LYS B 40 -23.06 -0.72 18.37
N LYS B 41 -23.62 -1.88 18.06
CA LYS B 41 -22.98 -3.14 18.42
C LYS B 41 -21.93 -3.53 17.37
N PHE B 42 -20.85 -4.14 17.87
CA PHE B 42 -19.66 -4.48 17.06
C PHE B 42 -19.13 -5.87 17.38
N ALA B 43 -19.67 -6.87 16.71
CA ALA B 43 -19.20 -8.24 16.92
C ALA B 43 -17.86 -8.45 16.24
N ILE B 44 -16.81 -8.66 17.03
CA ILE B 44 -15.45 -8.79 16.49
C ILE B 44 -14.74 -10.11 16.81
N TYR B 45 -14.03 -10.63 15.81
CA TYR B 45 -13.22 -11.84 15.95
C TYR B 45 -12.04 -11.59 16.87
N ARG B 46 -11.78 -12.53 17.77
CA ARG B 46 -10.64 -12.43 18.68
C ARG B 46 -9.99 -13.79 18.87
N TRP B 47 -8.67 -13.81 18.95
CA TRP B 47 -7.94 -14.99 19.40
C TRP B 47 -6.54 -14.64 19.85
N ASP B 48 -6.32 -14.72 21.16
CA ASP B 48 -5.00 -14.52 21.74
C ASP B 48 -4.17 -15.80 21.54
N PRO B 49 -2.95 -15.67 20.98
CA PRO B 49 -2.05 -16.83 20.91
C PRO B 49 -1.21 -17.02 22.19
N ASP B 50 -1.14 -15.97 23.02
CA ASP B 50 -0.39 -16.01 24.28
C ASP B 50 -1.24 -16.50 25.45
N LYS B 51 -2.54 -16.71 25.21
CA LYS B 51 -3.47 -17.18 26.24
C LYS B 51 -3.72 -18.69 26.11
N THR B 52 -2.95 -19.50 26.84
CA THR B 52 -2.92 -20.96 26.65
C THR B 52 -4.27 -21.58 26.30
N GLY B 53 -4.30 -22.29 25.17
CA GLY B 53 -5.50 -22.98 24.72
C GLY B 53 -6.71 -22.09 24.48
N ASP B 54 -6.48 -20.81 24.17
CA ASP B 54 -7.59 -19.96 23.78
C ASP B 54 -8.00 -20.41 22.39
N LYS B 55 -9.28 -20.22 22.06
CA LYS B 55 -9.75 -20.59 20.74
C LYS B 55 -10.67 -19.51 20.17
N PRO B 56 -10.70 -19.38 18.83
CA PRO B 56 -11.37 -18.24 18.22
C PRO B 56 -12.77 -18.01 18.76
N HIS B 57 -13.08 -16.76 19.08
CA HIS B 57 -14.43 -16.40 19.54
C HIS B 57 -14.73 -14.96 19.20
N MET B 58 -15.98 -14.57 19.39
CA MET B 58 -16.40 -13.20 19.11
C MET B 58 -16.62 -12.40 20.39
N GLN B 59 -16.03 -11.21 20.42
CA GLN B 59 -16.36 -10.21 21.42
C GLN B 59 -17.36 -9.26 20.81
N THR B 60 -18.08 -8.55 21.65
CA THR B 60 -18.89 -7.44 21.18
C THR B 60 -18.44 -6.19 21.91
N TYR B 61 -18.48 -5.08 21.20
CA TYR B 61 -18.20 -3.79 21.78
C TYR B 61 -19.30 -2.87 21.31
N GLU B 62 -19.28 -1.65 21.85
CA GLU B 62 -20.47 -0.81 21.89
C GLU B 62 -19.99 0.65 21.88
N ILE B 63 -20.43 1.39 20.87
CA ILE B 63 -19.79 2.65 20.51
C ILE B 63 -20.85 3.72 20.22
N ASP B 64 -20.74 4.85 20.91
CA ASP B 64 -21.59 5.98 20.58
C ASP B 64 -21.07 6.64 19.31
N LEU B 65 -21.85 6.57 18.24
CA LEU B 65 -21.42 7.10 16.93
C LEU B 65 -21.29 8.64 16.89
N ASN B 66 -21.91 9.33 17.85
CA ASN B 66 -21.68 10.77 18.01
C ASN B 66 -20.24 11.04 18.41
N ASN B 67 -19.70 10.14 19.24
CA ASN B 67 -18.30 10.17 19.68
C ASN B 67 -17.42 9.25 18.82
N CYS B 68 -17.56 9.31 17.50
CA CYS B 68 -16.79 8.43 16.60
C CYS B 68 -16.76 8.93 15.16
N GLY B 69 -15.68 8.63 14.46
CA GLY B 69 -15.58 8.94 13.05
C GLY B 69 -16.49 8.04 12.21
N PRO B 70 -16.60 8.34 10.91
CA PRO B 70 -17.55 7.62 10.05
C PRO B 70 -17.11 6.22 9.62
N MET B 71 -15.80 5.97 9.58
CA MET B 71 -15.24 4.72 9.07
C MET B 71 -15.10 3.68 10.16
N VAL B 72 -15.03 2.42 9.76
CA VAL B 72 -15.05 1.32 10.71
C VAL B 72 -13.78 1.39 11.54
N LEU B 73 -12.64 1.59 10.88
CA LEU B 73 -11.36 1.73 11.60
C LEU B 73 -11.40 2.78 12.70
N ASP B 74 -12.15 3.87 12.49
CA ASP B 74 -12.37 4.85 13.55
C ASP B 74 -12.94 4.16 14.77
N ALA B 75 -14.01 3.40 14.55
CA ALA B 75 -14.61 2.58 15.60
C ALA B 75 -13.61 1.59 16.19
N LEU B 76 -12.82 0.93 15.34
CA LEU B 76 -11.80 -0.01 15.80
C LEU B 76 -10.76 0.67 16.70
N ILE B 77 -10.16 1.76 16.22
CA ILE B 77 -9.20 2.56 17.00
C ILE B 77 -9.82 3.11 18.30
N LYS B 78 -11.08 3.53 18.22
CA LYS B 78 -11.79 3.97 19.42
C LYS B 78 -11.84 2.89 20.50
N ILE B 79 -12.36 1.71 20.17
CA ILE B 79 -12.49 0.67 21.20
C ILE B 79 -11.08 0.31 21.67
N LYS B 80 -10.12 0.35 20.74
CA LYS B 80 -8.71 0.10 21.03
C LYS B 80 -8.18 1.02 22.12
N ASN B 81 -8.48 2.31 22.01
CA ASN B 81 -8.01 3.34 22.95
C ASN B 81 -8.85 3.46 24.22
N GLU B 82 -10.18 3.36 24.08
CA GLU B 82 -11.12 3.70 25.16
C GLU B 82 -11.73 2.52 25.91
N ILE B 83 -11.69 1.32 25.34
CA ILE B 83 -12.27 0.14 25.98
C ILE B 83 -11.21 -0.97 26.14
N ASP B 84 -11.18 -1.93 25.23
CA ASP B 84 -10.19 -3.02 25.22
C ASP B 84 -9.01 -2.63 24.31
N SER B 85 -7.81 -2.61 24.87
CA SER B 85 -6.59 -2.31 24.12
C SER B 85 -5.79 -3.58 23.88
N THR B 86 -6.39 -4.73 24.16
CA THR B 86 -5.86 -6.02 23.73
C THR B 86 -6.25 -6.28 22.29
N LEU B 87 -7.30 -5.57 21.84
CA LEU B 87 -7.76 -5.63 20.47
C LEU B 87 -6.62 -5.26 19.54
N THR B 88 -6.33 -6.13 18.57
CA THR B 88 -5.15 -5.96 17.76
C THR B 88 -5.54 -5.96 16.29
N PHE B 89 -4.91 -5.05 15.55
CA PHE B 89 -5.09 -4.99 14.12
C PHE B 89 -3.99 -4.17 13.49
N ARG B 90 -3.90 -4.29 12.17
CA ARG B 90 -2.98 -3.50 11.36
C ARG B 90 -3.65 -2.23 10.89
N ARG B 91 -2.91 -1.12 10.91
CA ARG B 91 -3.38 0.14 10.31
C ARG B 91 -2.22 1.12 10.16
N SER B 92 -2.24 1.94 9.12
CA SER B 92 -1.32 3.08 9.05
C SER B 92 -1.98 4.35 8.51
N CYS B 93 -2.33 4.36 7.23
CA CYS B 93 -2.63 5.62 6.54
C CYS B 93 -3.99 6.21 6.86
N ARG B 94 -4.92 5.38 7.32
CA ARG B 94 -6.36 5.74 7.42
C ARG B 94 -6.89 6.59 6.24
N GLU B 95 -6.34 6.35 5.06
CA GLU B 95 -6.55 7.18 3.85
C GLU B 95 -7.06 6.31 2.69
N GLY B 96 -7.01 4.99 2.88
CA GLY B 96 -7.46 4.02 1.90
C GLY B 96 -6.45 3.80 0.79
N ILE B 97 -5.17 3.95 1.10
CA ILE B 97 -4.11 3.93 0.07
C ILE B 97 -2.81 3.22 0.45
N CYS B 98 -2.74 2.58 1.62
CA CYS B 98 -1.55 1.83 2.02
C CYS B 98 -1.79 0.30 2.02
N GLY B 99 -2.99 -0.11 2.41
CA GLY B 99 -3.40 -1.50 2.35
C GLY B 99 -3.30 -2.24 3.66
N SER B 100 -3.08 -1.52 4.75
CA SER B 100 -2.75 -2.15 6.02
C SER B 100 -3.93 -2.87 6.62
N CYS B 101 -5.07 -2.21 6.63
CA CYS B 101 -6.19 -2.60 7.47
C CYS B 101 -7.21 -3.54 6.82
N ALA B 102 -6.86 -4.15 5.69
CA ALA B 102 -7.80 -5.00 4.99
C ALA B 102 -8.26 -6.13 5.87
N MET B 103 -9.57 -6.35 5.90
CA MET B 103 -10.18 -7.35 6.77
C MET B 103 -11.61 -7.58 6.30
N ASN B 104 -12.28 -8.54 6.92
CA ASN B 104 -13.64 -8.92 6.51
C ASN B 104 -14.71 -8.26 7.38
N ILE B 105 -15.40 -7.29 6.78
CA ILE B 105 -16.42 -6.50 7.44
C ILE B 105 -17.76 -6.92 6.85
N ASN B 106 -18.68 -7.39 7.68
CA ASN B 106 -20.01 -7.84 7.22
C ASN B 106 -19.91 -8.77 6.03
N GLY B 107 -18.95 -9.69 6.07
CA GLY B 107 -18.83 -10.75 5.08
C GLY B 107 -18.14 -10.40 3.79
N GLY B 108 -17.52 -9.22 3.74
CA GLY B 108 -16.88 -8.72 2.53
C GLY B 108 -15.53 -8.11 2.83
N ASN B 109 -14.55 -8.45 2.00
CA ASN B 109 -13.19 -7.96 2.21
C ASN B 109 -13.08 -6.53 1.72
N THR B 110 -12.92 -5.58 2.65
CA THR B 110 -12.54 -4.20 2.31
C THR B 110 -11.57 -3.65 3.32
N LEU B 111 -11.07 -2.47 3.00
CA LEU B 111 -10.26 -1.68 3.91
C LEU B 111 -11.22 -1.04 4.91
N ALA B 112 -10.98 -1.31 6.19
CA ALA B 112 -11.84 -0.78 7.26
C ALA B 112 -11.81 0.75 7.32
N CYS B 113 -10.69 1.35 6.94
CA CYS B 113 -10.49 2.77 7.09
C CYS B 113 -11.22 3.59 6.04
N THR B 114 -11.92 2.91 5.15
CA THR B 114 -12.57 3.56 4.02
C THR B 114 -14.03 3.13 3.86
N ARG B 115 -14.37 1.97 4.43
CA ARG B 115 -15.75 1.51 4.58
C ARG B 115 -16.41 2.24 5.75
N ARG B 116 -17.59 2.82 5.53
CA ARG B 116 -18.25 3.57 6.61
C ARG B 116 -19.28 2.72 7.35
N ILE B 117 -19.36 2.96 8.66
CA ILE B 117 -20.09 2.11 9.61
C ILE B 117 -21.59 2.17 9.36
N ASP B 118 -22.27 1.02 9.42
CA ASP B 118 -23.70 0.97 9.14
C ASP B 118 -24.46 1.72 10.23
N THR B 119 -24.95 2.91 9.86
CA THR B 119 -25.71 3.79 10.75
C THR B 119 -27.05 3.19 11.17
N ASN B 120 -27.51 2.16 10.47
CA ASN B 120 -28.66 1.37 10.95
C ASN B 120 -28.30 0.61 12.22
N LEU B 121 -28.69 1.18 13.37
CA LEU B 121 -28.31 0.63 14.66
C LEU B 121 -28.85 -0.78 14.86
N ASP B 122 -29.86 -1.17 14.09
CA ASP B 122 -30.48 -2.49 14.25
C ASP B 122 -29.56 -3.66 13.89
N LYS B 123 -28.66 -3.45 12.94
CA LYS B 123 -27.66 -4.46 12.58
C LYS B 123 -26.44 -4.38 13.50
N VAL B 124 -25.78 -5.52 13.70
CA VAL B 124 -24.55 -5.59 14.49
C VAL B 124 -23.37 -5.91 13.56
N SER B 125 -22.46 -4.94 13.39
CA SER B 125 -21.25 -5.10 12.55
C SER B 125 -20.40 -6.31 12.96
N LYS B 126 -20.16 -7.20 11.98
CA LYS B 126 -19.32 -8.39 12.14
C LYS B 126 -17.96 -8.16 11.52
N ILE B 127 -16.91 -8.06 12.34
CA ILE B 127 -15.55 -7.94 11.85
C ILE B 127 -14.80 -9.25 12.02
N TYR B 128 -14.27 -9.79 10.93
CA TYR B 128 -13.38 -10.95 10.97
C TYR B 128 -12.04 -10.60 10.33
N PRO B 129 -11.04 -11.48 10.44
CA PRO B 129 -9.87 -11.27 9.62
C PRO B 129 -10.16 -11.69 8.18
N LEU B 130 -9.17 -11.51 7.32
CA LEU B 130 -9.28 -11.96 5.95
C LEU B 130 -9.44 -13.47 5.95
N PRO B 131 -10.23 -14.01 5.01
CA PRO B 131 -10.67 -15.41 4.98
C PRO B 131 -9.63 -16.44 4.53
N HIS B 132 -9.69 -17.62 5.14
CA HIS B 132 -8.79 -18.72 4.85
C HIS B 132 -7.33 -18.29 4.90
N MET B 133 -6.97 -17.57 5.96
CA MET B 133 -5.56 -17.25 6.25
C MET B 133 -5.25 -17.60 7.71
N TYR B 134 -3.99 -17.84 8.01
CA TYR B 134 -3.60 -18.19 9.39
C TYR B 134 -3.55 -16.94 10.23
N VAL B 135 -4.36 -16.89 11.28
CA VAL B 135 -4.36 -15.76 12.18
C VAL B 135 -3.11 -15.79 13.07
N ILE B 136 -2.35 -14.73 13.00
CA ILE B 136 -1.30 -14.50 13.94
C ILE B 136 -1.86 -14.14 15.27
N LYS B 137 -2.80 -13.20 15.26
CA LYS B 137 -3.53 -12.85 16.44
C LYS B 137 -4.72 -11.98 16.08
N ASP B 138 -5.87 -12.21 16.68
CA ASP B 138 -6.96 -11.30 16.46
C ASP B 138 -7.14 -11.13 14.97
N LEU B 139 -7.12 -9.90 14.48
CA LEU B 139 -7.41 -9.60 13.08
C LEU B 139 -6.22 -9.62 12.16
N VAL B 140 -5.11 -10.14 12.62
CA VAL B 140 -3.91 -10.07 11.84
C VAL B 140 -3.58 -11.42 11.24
N PRO B 141 -3.62 -11.50 9.92
CA PRO B 141 -3.30 -12.68 9.15
C PRO B 141 -1.86 -12.71 8.63
N ASP B 142 -1.33 -13.91 8.48
CA ASP B 142 0.03 -14.10 8.02
C ASP B 142 0.00 -14.01 6.48
N LEU B 143 0.58 -12.94 5.96
CA LEU B 143 0.60 -12.68 4.53
C LEU B 143 1.96 -12.98 3.91
N SER B 144 2.82 -13.76 4.59
CA SER B 144 4.17 -14.04 4.06
C SER B 144 4.05 -14.69 2.70
N ASN B 145 3.08 -15.58 2.60
CA ASN B 145 2.87 -16.30 1.36
C ASN B 145 2.43 -15.36 0.28
N PHE B 146 1.57 -14.42 0.67
CA PHE B 146 1.06 -13.42 -0.23
C PHE B 146 2.19 -12.64 -0.87
N TYR B 147 3.09 -12.16 -0.01
CA TYR B 147 4.27 -11.41 -0.43
C TYR B 147 5.25 -12.31 -1.17
N ALA B 148 5.48 -13.50 -0.63
CA ALA B 148 6.35 -14.47 -1.27
C ALA B 148 5.95 -14.63 -2.73
N GLN B 149 4.66 -14.89 -2.94
CA GLN B 149 4.11 -15.05 -4.30
C GLN B 149 4.31 -13.79 -5.17
N TYR B 150 4.22 -12.63 -4.54
CA TYR B 150 4.46 -11.38 -5.23
C TYR B 150 5.90 -11.37 -5.71
N LYS B 151 6.81 -11.61 -4.79
CA LYS B 151 8.23 -11.70 -5.11
C LYS B 151 8.47 -12.63 -6.30
N SER B 152 7.76 -13.76 -6.33
CA SER B 152 8.00 -14.82 -7.32
C SER B 152 7.75 -14.42 -8.79
N ILE B 153 6.93 -13.39 -9.03
CA ILE B 153 6.65 -12.96 -10.39
C ILE B 153 7.59 -11.87 -10.87
N GLU B 154 8.56 -11.49 -10.03
CA GLU B 154 9.58 -10.51 -10.41
C GLU B 154 8.97 -9.19 -10.86
N PRO B 155 8.29 -8.49 -9.93
CA PRO B 155 7.61 -7.24 -10.21
C PRO B 155 8.58 -6.09 -10.35
N TYR B 156 9.33 -6.10 -11.44
CA TYR B 156 10.26 -5.02 -11.75
C TYR B 156 10.57 -4.98 -13.23
N LEU B 157 11.09 -3.87 -13.70
CA LEU B 157 11.44 -3.72 -15.08
C LEU B 157 12.60 -4.67 -15.37
N LYS B 158 12.49 -5.38 -16.49
CA LYS B 158 13.60 -6.18 -17.01
C LYS B 158 13.85 -5.80 -18.46
N LYS B 159 15.07 -5.36 -18.75
CA LYS B 159 15.50 -4.97 -20.08
C LYS B 159 16.57 -5.95 -20.56
N LYS B 160 16.73 -6.06 -21.89
CA LYS B 160 17.75 -6.97 -22.44
C LYS B 160 19.12 -6.30 -22.51
N ASP B 161 19.13 -4.97 -22.67
CA ASP B 161 20.37 -4.19 -22.52
C ASP B 161 20.28 -3.24 -21.32
N GLU B 162 20.78 -3.68 -20.17
CA GLU B 162 20.80 -2.87 -18.95
C GLU B 162 22.13 -2.17 -18.73
N SER B 163 22.99 -2.20 -19.75
CA SER B 163 24.27 -1.50 -19.71
C SER B 163 24.05 0.00 -19.71
N GLN B 164 22.91 0.44 -20.23
CA GLN B 164 22.62 1.85 -20.42
C GLN B 164 21.84 2.49 -19.28
N GLU B 165 21.49 1.69 -18.27
CA GLU B 165 20.44 2.11 -17.37
C GLU B 165 20.88 3.24 -16.42
N GLY B 166 19.87 3.93 -15.88
CA GLY B 166 20.06 5.07 -15.03
C GLY B 166 20.45 6.35 -15.72
N LYS B 167 20.84 6.28 -16.99
CA LYS B 167 21.42 7.43 -17.68
C LYS B 167 20.45 8.19 -18.61
N GLN B 168 19.46 7.50 -19.16
CA GLN B 168 18.51 8.17 -20.05
C GLN B 168 17.09 7.72 -19.79
N GLN B 169 16.16 8.68 -19.79
CA GLN B 169 14.76 8.33 -19.54
C GLN B 169 14.17 7.56 -20.74
N TYR B 170 13.51 6.43 -20.48
CA TYR B 170 12.93 5.64 -21.56
C TYR B 170 11.69 6.29 -22.17
N LEU B 171 11.58 6.18 -23.49
CA LEU B 171 10.44 6.69 -24.19
C LEU B 171 9.27 5.75 -23.99
N GLN B 172 8.17 6.30 -23.47
CA GLN B 172 6.89 5.61 -23.45
C GLN B 172 5.81 6.60 -23.89
N SER B 173 5.07 6.22 -24.92
CA SER B 173 4.04 7.07 -25.50
C SER B 173 2.80 7.08 -24.62
N ILE B 174 2.09 8.20 -24.65
CA ILE B 174 0.88 8.38 -23.82
C ILE B 174 -0.15 7.25 -24.08
N GLU B 175 -0.17 6.71 -25.29
CA GLU B 175 -0.96 5.50 -25.56
C GLU B 175 -0.41 4.26 -24.83
N GLU B 176 0.90 4.03 -24.90
CA GLU B 176 1.54 2.91 -24.19
C GLU B 176 1.32 3.02 -22.67
N ARG B 177 1.33 4.26 -22.17
CA ARG B 177 1.16 4.49 -20.74
C ARG B 177 -0.27 4.21 -20.29
N GLU B 178 -1.26 4.47 -21.14
CA GLU B 178 -2.66 4.22 -20.76
C GLU B 178 -2.93 2.75 -20.39
N LYS B 179 -2.20 1.85 -21.04
CA LYS B 179 -2.35 0.42 -20.80
C LYS B 179 -2.02 0.00 -19.37
N LEU B 180 -1.25 0.80 -18.64
CA LEU B 180 -0.95 0.54 -17.23
C LEU B 180 -2.04 1.02 -16.28
N ASP B 181 -2.83 2.01 -16.71
CA ASP B 181 -3.89 2.60 -15.87
C ASP B 181 -4.84 1.52 -15.34
N GLY B 182 -5.07 1.53 -14.04
CA GLY B 182 -5.95 0.55 -13.42
C GLY B 182 -5.25 -0.71 -12.95
N LEU B 183 -3.98 -0.87 -13.34
CA LEU B 183 -3.16 -2.00 -12.92
C LEU B 183 -2.13 -1.61 -11.87
N TYR B 184 -1.58 -0.40 -11.99
CA TYR B 184 -0.46 0.05 -11.17
C TYR B 184 -0.90 0.60 -9.79
N GLU B 185 -2.18 0.88 -9.62
CA GLU B 185 -2.65 1.43 -8.34
C GLU B 185 -2.92 0.36 -7.31
N CYS B 186 -2.75 -0.91 -7.70
CA CYS B 186 -2.93 -2.01 -6.75
C CYS B 186 -2.11 -1.78 -5.49
N ILE B 187 -2.80 -1.87 -4.36
CA ILE B 187 -2.26 -1.43 -3.11
C ILE B 187 -1.72 -2.63 -2.31
N LEU B 188 -1.92 -3.83 -2.88
CA LEU B 188 -1.56 -5.12 -2.28
C LEU B 188 -2.22 -5.30 -0.92
N CYS B 189 -3.51 -5.00 -0.84
CA CYS B 189 -4.22 -5.12 0.42
C CYS B 189 -4.53 -6.56 0.67
N ALA B 190 -4.60 -7.35 -0.40
CA ALA B 190 -4.91 -8.78 -0.34
C ALA B 190 -6.41 -9.12 -0.17
N CYS B 191 -7.29 -8.14 -0.35
CA CYS B 191 -8.72 -8.39 -0.37
C CYS B 191 -9.11 -9.38 -1.47
N CYS B 192 -8.61 -9.13 -2.69
CA CYS B 192 -9.01 -9.93 -3.85
C CYS B 192 -8.54 -11.36 -3.68
N SER B 193 -7.24 -11.60 -3.78
CA SER B 193 -6.70 -12.96 -3.65
C SER B 193 -7.40 -13.74 -2.52
N THR B 194 -7.63 -13.09 -1.40
CA THR B 194 -8.21 -13.74 -0.23
C THR B 194 -9.73 -13.76 -0.23
N SER B 195 -10.33 -13.42 -1.37
CA SER B 195 -11.78 -13.59 -1.58
C SER B 195 -12.01 -14.62 -2.67
N CYS B 196 -10.95 -15.31 -3.08
CA CYS B 196 -11.00 -16.25 -4.19
C CYS B 196 -11.01 -17.70 -3.74
N PRO B 197 -12.18 -18.37 -3.82
CA PRO B 197 -12.30 -19.79 -3.51
C PRO B 197 -11.20 -20.70 -4.07
N SER B 198 -10.61 -20.34 -5.22
CA SER B 198 -9.44 -21.07 -5.72
C SER B 198 -8.23 -20.83 -4.81
N TYR B 199 -7.92 -19.56 -4.54
CA TYR B 199 -6.91 -19.22 -3.54
C TYR B 199 -7.25 -19.85 -2.18
N TRP B 200 -8.52 -19.94 -1.83
CA TRP B 200 -8.90 -20.57 -0.58
C TRP B 200 -8.46 -22.02 -0.50
N TRP B 201 -8.60 -22.78 -1.60
CA TRP B 201 -8.25 -24.20 -1.60
C TRP B 201 -6.91 -24.51 -2.29
N ASN B 202 -6.25 -23.53 -2.90
CA ASN B 202 -5.00 -23.80 -3.66
C ASN B 202 -3.97 -22.66 -3.59
N GLY B 203 -4.07 -21.82 -2.57
CA GLY B 203 -3.21 -20.64 -2.44
C GLY B 203 -1.73 -20.91 -2.24
N ASP B 204 -1.37 -22.16 -1.94
CA ASP B 204 0.04 -22.54 -1.91
C ASP B 204 0.65 -22.49 -3.32
N LYS B 205 -0.13 -22.95 -4.30
CA LYS B 205 0.34 -23.11 -5.70
C LYS B 205 -0.34 -22.19 -6.73
N TYR B 206 -1.54 -21.72 -6.40
CA TYR B 206 -2.25 -20.73 -7.20
C TYR B 206 -1.83 -19.35 -6.74
N LEU B 207 -1.28 -18.57 -7.65
CA LEU B 207 -0.83 -17.22 -7.33
C LEU B 207 -1.94 -16.28 -6.83
N GLY B 208 -3.14 -16.44 -7.39
CA GLY B 208 -4.26 -15.55 -7.09
C GLY B 208 -4.23 -14.21 -7.83
N PRO B 209 -5.38 -13.51 -7.85
CA PRO B 209 -5.62 -12.29 -8.63
C PRO B 209 -4.70 -11.10 -8.33
N ALA B 210 -4.41 -10.85 -7.06
CA ALA B 210 -3.57 -9.71 -6.66
C ALA B 210 -2.25 -9.76 -7.43
N VAL B 211 -1.61 -10.91 -7.32
CA VAL B 211 -0.28 -11.13 -7.87
C VAL B 211 -0.38 -11.23 -9.38
N LEU B 212 -1.40 -11.92 -9.87
CA LEU B 212 -1.56 -12.12 -11.30
C LEU B 212 -1.76 -10.79 -12.00
N MET B 213 -2.56 -9.92 -11.42
CA MET B 213 -2.78 -8.63 -12.04
C MET B 213 -1.46 -7.88 -12.14
N GLN B 214 -0.58 -8.05 -11.17
CA GLN B 214 0.74 -7.40 -11.22
C GLN B 214 1.62 -7.99 -12.31
N ALA B 215 1.59 -9.30 -12.48
CA ALA B 215 2.33 -9.92 -13.58
C ALA B 215 1.81 -9.34 -14.89
N TYR B 216 0.51 -9.11 -14.98
CA TYR B 216 -0.07 -8.49 -16.16
C TYR B 216 0.47 -7.08 -16.35
N ARG B 217 0.57 -6.32 -15.26
CA ARG B 217 1.12 -4.96 -15.25
C ARG B 217 2.53 -4.88 -15.86
N TRP B 218 3.34 -5.92 -15.64
CA TRP B 218 4.71 -5.97 -16.17
C TRP B 218 4.77 -6.65 -17.53
N MET B 219 3.75 -7.44 -17.85
CA MET B 219 3.60 -7.94 -19.19
C MET B 219 3.33 -6.79 -20.14
N ILE B 220 2.26 -6.03 -19.91
CA ILE B 220 1.90 -4.96 -20.85
C ILE B 220 2.71 -3.67 -20.63
N ASP B 221 3.85 -3.76 -19.95
CA ASP B 221 4.75 -2.61 -19.91
C ASP B 221 5.60 -2.60 -21.18
N SER B 222 5.38 -1.58 -22.02
CA SER B 222 6.16 -1.40 -23.26
C SER B 222 7.67 -1.50 -23.00
N ARG B 223 8.09 -0.92 -21.89
CA ARG B 223 9.51 -0.85 -21.56
C ARG B 223 10.11 -2.21 -21.18
N ASP B 224 9.29 -3.19 -20.84
CA ASP B 224 9.78 -4.48 -20.35
C ASP B 224 10.00 -5.48 -21.49
N ASP B 225 11.13 -6.20 -21.45
CA ASP B 225 11.58 -7.05 -22.55
C ASP B 225 11.52 -8.53 -22.23
N PHE B 226 10.67 -8.92 -21.30
CA PHE B 226 10.62 -10.32 -20.89
C PHE B 226 9.20 -10.90 -20.88
N THR B 227 8.32 -10.26 -21.62
CA THR B 227 6.91 -10.62 -21.64
C THR B 227 6.69 -12.10 -21.93
N GLU B 228 7.40 -12.64 -22.92
CA GLU B 228 7.30 -14.08 -23.24
C GLU B 228 7.69 -14.96 -22.06
N GLU B 229 8.84 -14.66 -21.47
CA GLU B 229 9.40 -15.55 -20.43
C GLU B 229 8.60 -15.43 -19.14
N ARG B 230 7.96 -14.27 -18.95
CA ARG B 230 7.00 -14.08 -17.85
C ARG B 230 5.74 -14.94 -18.04
N LEU B 231 5.31 -15.10 -19.29
CA LEU B 231 4.15 -15.95 -19.61
C LEU B 231 4.51 -17.41 -19.40
N ALA B 232 5.70 -17.79 -19.88
CA ALA B 232 6.23 -19.16 -19.74
C ALA B 232 6.16 -19.64 -18.30
N LYS B 233 6.41 -18.75 -17.36
CA LYS B 233 6.42 -19.15 -15.95
C LYS B 233 5.04 -19.57 -15.46
N LEU B 234 3.98 -19.21 -16.19
CA LEU B 234 2.61 -19.58 -15.80
C LEU B 234 2.09 -20.91 -16.38
N GLN B 235 2.93 -21.58 -17.19
CA GLN B 235 2.55 -22.84 -17.83
C GLN B 235 2.55 -23.98 -16.82
N ASP B 236 1.45 -24.17 -16.14
CA ASP B 236 1.27 -25.32 -15.27
C ASP B 236 -0.14 -25.23 -14.72
N PRO B 237 -0.69 -26.37 -14.30
CA PRO B 237 -2.06 -26.37 -13.83
C PRO B 237 -2.43 -25.25 -12.85
N PHE B 238 -1.49 -24.82 -12.03
CA PHE B 238 -1.83 -24.08 -10.81
C PHE B 238 -1.61 -22.57 -10.84
N SER B 239 -0.49 -22.11 -11.37
CA SER B 239 -0.09 -20.71 -11.19
C SER B 239 -1.16 -19.71 -11.65
N LEU B 240 -1.55 -19.88 -12.91
CA LEU B 240 -2.60 -19.08 -13.51
C LEU B 240 -3.94 -19.82 -13.55
N TYR B 241 -3.91 -21.13 -13.74
CA TYR B 241 -5.09 -21.82 -14.28
C TYR B 241 -6.09 -22.31 -13.25
N ARG B 242 -5.92 -21.92 -12.00
CA ARG B 242 -6.96 -22.16 -10.99
C ARG B 242 -8.04 -21.09 -11.11
N CYS B 243 -7.71 -19.94 -11.70
CA CYS B 243 -8.75 -19.00 -11.99
C CYS B 243 -9.81 -19.74 -12.77
N HIS B 244 -11.00 -19.85 -12.19
CA HIS B 244 -12.20 -20.32 -12.90
C HIS B 244 -13.24 -19.19 -13.07
N THR B 245 -12.76 -17.96 -13.28
CA THR B 245 -13.59 -16.78 -13.54
C THR B 245 -14.81 -16.63 -12.61
N ILE B 246 -14.56 -16.74 -11.31
CA ILE B 246 -15.60 -16.64 -10.27
C ILE B 246 -15.95 -15.17 -10.00
N MET B 247 -14.92 -14.32 -10.03
CA MET B 247 -15.10 -12.87 -10.05
C MET B 247 -15.48 -12.27 -8.71
N ASN B 248 -15.28 -13.01 -7.62
CA ASN B 248 -15.24 -12.37 -6.31
C ASN B 248 -14.14 -11.30 -6.26
N CYS B 249 -13.01 -11.56 -6.90
CA CYS B 249 -11.85 -10.69 -6.77
C CYS B 249 -12.18 -9.28 -7.21
N THR B 250 -12.63 -9.12 -8.45
CA THR B 250 -13.08 -7.82 -8.95
C THR B 250 -14.25 -7.27 -8.17
N GLY B 251 -15.11 -8.16 -7.70
CA GLY B 251 -16.23 -7.75 -6.87
C GLY B 251 -15.89 -7.22 -5.48
N THR B 252 -14.67 -7.45 -4.99
CA THR B 252 -14.32 -7.03 -3.63
C THR B 252 -13.24 -5.98 -3.57
N CYS B 253 -12.68 -5.62 -4.73
CA CYS B 253 -11.51 -4.75 -4.75
C CYS B 253 -11.88 -3.37 -4.23
N PRO B 254 -11.33 -2.99 -3.07
CA PRO B 254 -11.73 -1.75 -2.44
C PRO B 254 -11.20 -0.52 -3.18
N LYS B 255 -10.43 -0.74 -4.24
CA LYS B 255 -9.85 0.35 -5.01
C LYS B 255 -10.42 0.47 -6.43
N GLY B 256 -11.47 -0.30 -6.74
CA GLY B 256 -12.14 -0.25 -8.05
C GLY B 256 -11.45 -0.94 -9.21
N LEU B 257 -10.41 -1.71 -8.90
CA LEU B 257 -9.58 -2.34 -9.90
C LEU B 257 -10.21 -3.65 -10.34
N ASN B 258 -9.76 -4.18 -11.48
CA ASN B 258 -10.39 -5.35 -12.09
C ASN B 258 -9.43 -6.52 -12.33
N PRO B 259 -8.93 -7.15 -11.26
CA PRO B 259 -7.91 -8.17 -11.40
C PRO B 259 -8.40 -9.34 -12.26
N GLY B 260 -9.62 -9.78 -12.02
CA GLY B 260 -10.25 -10.82 -12.85
C GLY B 260 -10.12 -10.57 -14.34
N LYS B 261 -10.37 -9.34 -14.74
CA LYS B 261 -10.29 -8.94 -16.12
C LYS B 261 -8.84 -9.09 -16.60
N ALA B 262 -7.88 -8.84 -15.72
CA ALA B 262 -6.48 -8.96 -16.09
C ALA B 262 -6.11 -10.43 -16.26
N ILE B 263 -6.63 -11.28 -15.37
CA ILE B 263 -6.43 -12.73 -15.47
C ILE B 263 -6.84 -13.19 -16.86
N ALA B 264 -7.94 -12.66 -17.38
CA ALA B 264 -8.46 -13.08 -18.67
C ALA B 264 -7.54 -12.66 -19.81
N GLU B 265 -6.99 -11.46 -19.70
CA GLU B 265 -6.08 -10.95 -20.72
C GLU B 265 -4.85 -11.80 -20.81
N ILE B 266 -4.34 -12.24 -19.66
CA ILE B 266 -3.18 -13.11 -19.62
C ILE B 266 -3.49 -14.38 -20.38
N LYS B 267 -4.60 -15.03 -20.03
CA LYS B 267 -5.01 -16.28 -20.63
C LYS B 267 -5.05 -16.18 -22.15
N LYS B 268 -5.47 -15.01 -22.65
CA LYS B 268 -5.52 -14.76 -24.08
C LYS B 268 -4.12 -14.60 -24.65
N MET B 269 -3.29 -13.77 -24.02
CA MET B 269 -1.88 -13.74 -24.35
C MET B 269 -1.27 -15.15 -24.29
N MET B 270 -1.52 -15.87 -23.21
CA MET B 270 -0.95 -17.21 -23.03
C MET B 270 -1.29 -18.12 -24.21
N ALA B 271 -2.50 -18.01 -24.71
CA ALA B 271 -2.98 -18.91 -25.76
C ALA B 271 -2.43 -18.60 -27.14
N THR B 272 -1.60 -17.55 -27.24
CA THR B 272 -1.29 -16.97 -28.55
C THR B 272 0.11 -16.38 -28.69
N TYR B 273 0.97 -16.50 -27.70
CA TYR B 273 2.34 -16.02 -27.86
C TYR B 273 3.12 -17.11 -28.58
N LYS B 274 3.88 -16.73 -29.61
CA LYS B 274 4.73 -17.70 -30.34
C LYS B 274 6.10 -17.82 -29.67
N GLU B 275 6.76 -18.96 -29.93
CA GLU B 275 8.00 -19.35 -29.24
C GLU B 275 7.72 -19.81 -27.82
N THR C 32 17.40 -14.70 0.90
CA THR C 32 16.22 -15.64 0.93
C THR C 32 15.35 -15.51 -0.36
N THR C 33 15.20 -16.60 -1.11
CA THR C 33 14.42 -16.60 -2.37
C THR C 33 12.93 -16.86 -2.14
N ALA C 34 12.13 -16.59 -3.18
CA ALA C 34 10.68 -16.66 -3.09
C ALA C 34 10.24 -18.06 -2.72
N LYS C 35 10.87 -19.05 -3.37
CA LYS C 35 10.57 -20.47 -3.16
C LYS C 35 10.82 -20.90 -1.71
N GLU C 36 11.90 -20.38 -1.12
CA GLU C 36 12.23 -20.67 0.29
C GLU C 36 11.25 -19.99 1.23
N GLU C 37 11.01 -18.71 0.99
CA GLU C 37 10.04 -17.93 1.75
C GLU C 37 8.75 -18.73 1.85
N MET C 38 8.28 -19.24 0.72
CA MET C 38 7.06 -20.06 0.65
C MET C 38 7.19 -21.32 1.50
N GLU C 39 8.32 -22.03 1.32
CA GLU C 39 8.62 -23.22 2.10
C GLU C 39 8.53 -22.93 3.59
N ARG C 40 9.20 -21.86 4.03
CA ARG C 40 9.23 -21.52 5.45
C ARG C 40 7.87 -21.05 5.98
N PHE C 41 7.08 -20.37 5.12
CA PHE C 41 5.70 -20.03 5.46
C PHE C 41 4.92 -21.25 5.90
N TRP C 42 5.11 -22.36 5.18
CA TRP C 42 4.30 -23.57 5.39
C TRP C 42 4.70 -24.38 6.60
N ASN C 43 6.01 -24.53 6.83
CA ASN C 43 6.50 -25.30 7.99
C ASN C 43 6.17 -24.60 9.29
N LYS C 44 6.43 -23.30 9.33
CA LYS C 44 6.10 -22.46 10.49
C LYS C 44 4.63 -22.61 10.87
N ASN C 45 3.75 -22.40 9.88
CA ASN C 45 2.32 -22.28 10.15
C ASN C 45 1.59 -23.60 10.37
N LEU C 46 2.04 -24.68 9.71
CA LEU C 46 1.39 -25.99 9.85
C LEU C 46 1.66 -26.57 11.24
N GLY C 47 2.93 -26.56 11.64
CA GLY C 47 3.33 -26.95 12.99
C GLY C 47 3.20 -25.83 14.01
N SER C 48 1.96 -25.35 14.20
CA SER C 48 1.67 -24.27 15.15
C SER C 48 0.23 -24.32 15.67
N ASN C 49 -0.04 -23.55 16.71
CA ASN C 49 -1.37 -23.47 17.29
C ASN C 49 -2.29 -22.46 16.58
N ARG C 50 -1.99 -22.13 15.32
CA ARG C 50 -2.67 -21.00 14.67
C ARG C 50 -4.01 -21.38 14.04
N PRO C 51 -5.09 -20.69 14.43
CA PRO C 51 -6.39 -20.95 13.81
C PRO C 51 -6.48 -20.36 12.42
N LEU C 52 -7.14 -21.10 11.53
CA LEU C 52 -7.43 -20.65 10.18
C LEU C 52 -8.68 -19.76 10.24
N SER C 53 -8.61 -18.58 9.64
CA SER C 53 -9.75 -17.67 9.67
C SER C 53 -10.95 -18.26 8.94
N PRO C 54 -12.16 -17.98 9.43
CA PRO C 54 -13.35 -18.46 8.73
C PRO C 54 -13.52 -17.88 7.31
N HIS C 55 -14.32 -18.58 6.50
CA HIS C 55 -14.50 -18.23 5.09
C HIS C 55 -15.93 -18.53 4.61
N ILE C 56 -16.19 -19.71 4.05
CA ILE C 56 -17.58 -20.09 3.66
C ILE C 56 -18.62 -19.71 4.72
N THR C 57 -18.29 -19.92 5.99
CA THR C 57 -19.21 -19.69 7.11
C THR C 57 -19.49 -18.20 7.35
N ILE C 58 -18.64 -17.32 6.79
CA ILE C 58 -18.75 -15.88 7.00
C ILE C 58 -18.97 -15.02 5.75
N TYR C 59 -18.71 -15.57 4.55
CA TYR C 59 -18.56 -14.73 3.35
C TYR C 59 -19.88 -14.52 2.61
N ARG C 60 -20.28 -13.26 2.44
CA ARG C 60 -21.51 -12.90 1.72
C ARG C 60 -21.69 -13.65 0.39
N TRP C 61 -22.87 -14.26 0.23
CA TRP C 61 -23.24 -14.93 -1.01
C TRP C 61 -23.55 -13.90 -2.10
N SER C 62 -22.80 -13.96 -3.18
CA SER C 62 -23.04 -13.10 -4.34
C SER C 62 -23.56 -13.97 -5.47
N LEU C 63 -24.45 -13.42 -6.29
CA LEU C 63 -25.05 -14.19 -7.38
C LEU C 63 -23.99 -14.88 -8.25
N PRO C 64 -22.91 -14.16 -8.65
CA PRO C 64 -21.87 -14.80 -9.45
C PRO C 64 -21.18 -15.98 -8.79
N MET C 65 -21.13 -16.01 -7.46
CA MET C 65 -20.51 -17.13 -6.74
C MET C 65 -21.45 -18.33 -6.64
N ALA C 66 -22.73 -18.07 -6.38
CA ALA C 66 -23.73 -19.11 -6.43
C ALA C 66 -23.88 -19.67 -7.86
N MET C 67 -23.75 -18.79 -8.86
CA MET C 67 -23.82 -19.22 -10.26
C MET C 67 -22.56 -19.93 -10.75
N SER C 68 -21.44 -19.73 -10.05
CA SER C 68 -20.20 -20.49 -10.27
C SER C 68 -20.34 -21.92 -9.75
N ILE C 69 -20.83 -22.06 -8.52
CA ILE C 69 -21.08 -23.35 -7.90
C ILE C 69 -22.05 -24.22 -8.71
N CYS C 70 -23.18 -23.64 -9.08
CA CYS C 70 -24.14 -24.35 -9.90
C CYS C 70 -23.52 -24.85 -11.18
N HIS C 71 -22.62 -24.06 -11.76
CA HIS C 71 -21.99 -24.49 -12.97
C HIS C 71 -21.16 -25.78 -12.82
N ARG C 72 -20.61 -26.05 -11.64
CA ARG C 72 -20.03 -27.37 -11.33
C ARG C 72 -21.12 -28.42 -11.19
N GLY C 73 -21.93 -28.29 -10.15
CA GLY C 73 -23.01 -29.23 -9.89
C GLY C 73 -23.62 -29.71 -11.18
N THR C 74 -24.10 -28.77 -12.00
CA THR C 74 -24.72 -29.14 -13.27
C THR C 74 -23.74 -29.95 -14.12
N GLY C 75 -22.58 -29.37 -14.40
CA GLY C 75 -21.53 -30.08 -15.14
C GLY C 75 -21.32 -31.51 -14.66
N ILE C 76 -21.12 -31.66 -13.34
CA ILE C 76 -20.90 -32.95 -12.70
C ILE C 76 -22.09 -33.89 -12.85
N ALA C 77 -23.22 -33.49 -12.28
CA ALA C 77 -24.50 -34.20 -12.45
C ALA C 77 -24.71 -34.66 -13.88
N LEU C 78 -24.54 -33.74 -14.83
CA LEU C 78 -24.62 -34.06 -16.27
C LEU C 78 -23.66 -35.17 -16.69
N SER C 79 -22.38 -35.05 -16.32
CA SER C 79 -21.37 -36.07 -16.67
C SER C 79 -21.70 -37.43 -16.06
N ALA C 80 -22.23 -37.41 -14.83
CA ALA C 80 -22.72 -38.62 -14.19
C ALA C 80 -23.84 -39.27 -15.02
N GLY C 81 -24.73 -38.44 -15.55
CA GLY C 81 -25.80 -38.94 -16.40
C GLY C 81 -25.24 -39.61 -17.62
N VAL C 82 -24.41 -38.87 -18.36
CA VAL C 82 -23.78 -39.39 -19.59
C VAL C 82 -23.02 -40.68 -19.33
N SER C 83 -22.29 -40.73 -18.22
CA SER C 83 -21.55 -41.92 -17.85
C SER C 83 -22.49 -43.06 -17.50
N LEU C 84 -23.61 -42.76 -16.85
CA LEU C 84 -24.54 -43.84 -16.52
C LEU C 84 -25.15 -44.36 -17.79
N PHE C 85 -25.36 -43.47 -18.75
CA PHE C 85 -25.93 -43.86 -20.00
C PHE C 85 -24.95 -44.68 -20.85
N GLY C 86 -23.66 -44.41 -20.70
CA GLY C 86 -22.63 -45.21 -21.36
C GLY C 86 -22.38 -46.55 -20.70
N LEU C 87 -22.36 -46.56 -19.37
CA LEU C 87 -22.07 -47.76 -18.60
C LEU C 87 -23.24 -48.72 -18.58
N SER C 88 -24.47 -48.20 -18.56
CA SER C 88 -25.69 -49.02 -18.64
C SER C 88 -25.87 -49.64 -20.02
N ALA C 89 -25.26 -49.01 -21.03
CA ALA C 89 -25.23 -49.54 -22.39
C ALA C 89 -24.31 -50.76 -22.51
N LEU C 90 -23.38 -50.90 -21.57
CA LEU C 90 -22.40 -51.98 -21.58
C LEU C 90 -22.75 -53.04 -20.55
N LEU C 91 -22.93 -52.63 -19.30
CA LEU C 91 -23.05 -53.58 -18.20
C LEU C 91 -24.44 -54.21 -18.10
N LEU C 92 -25.46 -53.47 -18.54
CA LEU C 92 -26.83 -53.99 -18.48
C LEU C 92 -27.19 -54.67 -19.80
N PRO C 93 -28.22 -55.54 -19.76
CA PRO C 93 -28.79 -56.18 -20.93
C PRO C 93 -30.13 -55.57 -21.34
N GLY C 94 -30.64 -56.01 -22.47
CA GLY C 94 -31.86 -55.44 -23.04
C GLY C 94 -31.45 -54.24 -23.87
N ASN C 95 -32.21 -53.93 -24.92
CA ASN C 95 -31.94 -52.74 -25.73
C ASN C 95 -32.71 -51.53 -25.17
N PHE C 96 -32.63 -50.41 -25.88
CA PHE C 96 -33.27 -49.18 -25.42
C PHE C 96 -34.81 -49.28 -25.41
N GLU C 97 -35.38 -49.78 -26.51
CA GLU C 97 -36.84 -49.97 -26.62
C GLU C 97 -37.34 -50.89 -25.50
N SER C 98 -36.60 -51.98 -25.28
CA SER C 98 -36.80 -52.84 -24.09
C SER C 98 -36.89 -52.00 -22.80
N HIS C 99 -35.91 -51.12 -22.61
CA HIS C 99 -35.88 -50.28 -21.42
C HIS C 99 -37.03 -49.28 -21.41
N LEU C 100 -37.33 -48.69 -22.56
CA LEU C 100 -38.46 -47.76 -22.67
C LEU C 100 -39.77 -48.42 -22.29
N GLU C 101 -40.01 -49.60 -22.85
CA GLU C 101 -41.21 -50.39 -22.54
C GLU C 101 -41.34 -50.63 -21.05
N LEU C 102 -40.24 -51.01 -20.43
CA LEU C 102 -40.18 -51.14 -18.99
C LEU C 102 -40.52 -49.81 -18.32
N VAL C 103 -40.00 -48.72 -18.89
CA VAL C 103 -40.17 -47.35 -18.35
C VAL C 103 -41.47 -46.68 -18.84
N LYS C 104 -42.21 -47.37 -19.70
CA LYS C 104 -43.54 -46.92 -20.13
C LYS C 104 -44.55 -47.56 -19.19
N SER C 105 -44.28 -48.81 -18.81
CA SER C 105 -45.19 -49.62 -18.03
C SER C 105 -44.88 -49.51 -16.53
N LEU C 106 -44.90 -48.28 -16.01
CA LEU C 106 -44.94 -48.05 -14.57
C LEU C 106 -46.17 -47.20 -14.28
N CYS C 107 -47.13 -47.22 -15.20
CA CYS C 107 -48.29 -46.33 -15.18
C CYS C 107 -47.86 -44.86 -14.96
N LEU C 108 -46.84 -44.45 -15.70
CA LEU C 108 -46.37 -43.05 -15.77
C LEU C 108 -47.47 -42.00 -15.56
N GLY C 109 -47.21 -41.00 -14.73
CA GLY C 109 -48.13 -39.87 -14.54
C GLY C 109 -47.76 -38.71 -15.47
N PRO C 110 -48.63 -38.37 -16.46
CA PRO C 110 -48.35 -37.34 -17.48
C PRO C 110 -47.66 -36.06 -16.99
N THR C 111 -47.99 -35.56 -15.80
CA THR C 111 -47.23 -34.46 -15.19
C THR C 111 -45.87 -34.99 -14.72
N LEU C 112 -45.88 -36.12 -14.00
CA LEU C 112 -44.66 -36.69 -13.42
C LEU C 112 -43.60 -37.02 -14.49
N ILE C 113 -44.03 -37.27 -15.73
CA ILE C 113 -43.10 -37.36 -16.85
C ILE C 113 -42.46 -36.01 -17.11
N TYR C 114 -43.29 -34.98 -17.21
CA TYR C 114 -42.81 -33.61 -17.36
C TYR C 114 -41.79 -33.26 -16.26
N THR C 115 -42.06 -33.66 -15.02
CA THR C 115 -41.11 -33.46 -13.91
C THR C 115 -39.75 -34.07 -14.23
N ALA C 116 -39.71 -35.38 -14.44
CA ALA C 116 -38.46 -36.07 -14.74
C ALA C 116 -37.81 -35.50 -16.01
N LYS C 117 -38.65 -35.05 -16.95
CA LYS C 117 -38.19 -34.47 -18.20
C LYS C 117 -37.58 -33.08 -17.95
N PHE C 118 -38.35 -32.19 -17.34
CA PHE C 118 -37.88 -30.85 -16.94
C PHE C 118 -36.71 -30.90 -15.98
N GLY C 119 -36.71 -31.85 -15.04
CA GLY C 119 -35.56 -32.11 -14.16
C GLY C 119 -34.28 -32.46 -14.89
N ILE C 120 -34.40 -32.88 -16.16
CA ILE C 120 -33.25 -33.23 -16.98
C ILE C 120 -32.88 -32.05 -17.89
N VAL C 121 -33.87 -31.38 -18.47
CA VAL C 121 -33.58 -30.27 -19.40
C VAL C 121 -33.09 -29.05 -18.62
N PHE C 122 -33.38 -29.00 -17.33
CA PHE C 122 -33.01 -27.85 -16.51
C PHE C 122 -31.50 -27.69 -16.48
N PRO C 123 -30.79 -28.59 -15.76
CA PRO C 123 -29.33 -28.47 -15.68
C PRO C 123 -28.62 -28.37 -17.04
N LEU C 124 -29.10 -29.10 -18.04
CA LEU C 124 -28.50 -29.01 -19.37
C LEU C 124 -28.60 -27.58 -19.93
N MET C 125 -29.74 -26.91 -19.69
CA MET C 125 -29.94 -25.54 -20.17
C MET C 125 -29.19 -24.50 -19.36
N TYR C 126 -29.25 -24.59 -18.03
CA TYR C 126 -28.53 -23.66 -17.17
C TYR C 126 -27.04 -23.67 -17.50
N HIS C 127 -26.48 -24.86 -17.42
CA HIS C 127 -25.08 -25.09 -17.76
C HIS C 127 -24.76 -24.67 -19.19
N THR C 128 -25.66 -24.97 -20.13
CA THR C 128 -25.43 -24.63 -21.53
C THR C 128 -25.34 -23.11 -21.74
N TRP C 129 -26.29 -22.38 -21.14
CA TRP C 129 -26.34 -20.94 -21.34
C TRP C 129 -25.14 -20.34 -20.65
N ASN C 130 -25.03 -20.57 -19.34
CA ASN C 130 -23.87 -20.12 -18.55
C ASN C 130 -22.56 -20.49 -19.23
N GLY C 131 -22.46 -21.71 -19.79
CA GLY C 131 -21.34 -22.08 -20.66
C GLY C 131 -20.96 -20.99 -21.67
N ILE C 132 -21.95 -20.47 -22.41
CA ILE C 132 -21.68 -19.40 -23.37
C ILE C 132 -21.12 -18.20 -22.62
N ARG C 133 -21.77 -17.85 -21.51
CA ARG C 133 -21.34 -16.73 -20.68
C ARG C 133 -19.85 -16.83 -20.40
N HIS C 134 -19.41 -18.00 -19.96
CA HIS C 134 -18.01 -18.25 -19.72
C HIS C 134 -17.23 -17.94 -20.96
N LEU C 135 -17.50 -18.65 -22.04
CA LEU C 135 -16.72 -18.48 -23.28
C LEU C 135 -16.56 -17.02 -23.68
N ILE C 136 -17.64 -16.26 -23.53
CA ILE C 136 -17.60 -14.81 -23.78
C ILE C 136 -16.53 -14.19 -22.88
N TRP C 137 -16.63 -14.42 -21.57
CA TRP C 137 -15.57 -14.01 -20.62
C TRP C 137 -14.18 -14.42 -21.08
N ASP C 138 -14.04 -15.66 -21.57
CA ASP C 138 -12.75 -16.14 -22.04
C ASP C 138 -12.16 -15.18 -23.08
N LEU C 139 -13.04 -14.67 -23.94
CA LEU C 139 -12.68 -13.63 -24.91
C LEU C 139 -12.47 -12.26 -24.26
N GLY C 140 -12.90 -12.07 -23.01
CA GLY C 140 -12.65 -10.81 -22.28
C GLY C 140 -13.85 -9.87 -22.23
N LYS C 141 -14.81 -10.13 -23.10
CA LYS C 141 -16.06 -9.41 -23.09
C LYS C 141 -16.76 -9.69 -21.79
N GLY C 142 -17.40 -8.67 -21.22
CA GLY C 142 -18.38 -8.84 -20.14
C GLY C 142 -17.87 -8.87 -18.71
N LEU C 143 -16.59 -8.59 -18.51
CA LEU C 143 -15.98 -8.71 -17.18
C LEU C 143 -16.04 -7.41 -16.36
N THR C 144 -17.23 -7.06 -15.88
CA THR C 144 -17.44 -5.97 -14.93
C THR C 144 -18.62 -6.37 -14.06
N ILE C 145 -18.76 -5.79 -12.87
CA ILE C 145 -19.84 -6.17 -11.95
C ILE C 145 -21.25 -5.90 -12.53
N PRO C 146 -21.45 -4.70 -13.14
CA PRO C 146 -22.68 -4.48 -13.91
C PRO C 146 -22.98 -5.62 -14.88
N GLN C 147 -22.10 -5.84 -15.84
CA GLN C 147 -22.31 -6.86 -16.87
C GLN C 147 -22.44 -8.29 -16.33
N LEU C 148 -21.78 -8.57 -15.21
CA LEU C 148 -21.88 -9.88 -14.55
C LEU C 148 -23.29 -10.14 -14.05
N THR C 149 -23.86 -9.13 -13.41
CA THR C 149 -25.16 -9.26 -12.77
C THR C 149 -26.30 -9.13 -13.80
N GLN C 150 -26.02 -8.52 -14.94
CA GLN C 150 -26.97 -8.54 -16.04
C GLN C 150 -26.97 -9.90 -16.69
N SER C 151 -25.80 -10.32 -17.16
CA SER C 151 -25.64 -11.64 -17.78
C SER C 151 -26.12 -12.77 -16.87
N GLY C 152 -25.75 -12.69 -15.60
CA GLY C 152 -26.23 -13.62 -14.60
C GLY C 152 -27.73 -13.84 -14.68
N VAL C 153 -28.47 -12.74 -14.75
CA VAL C 153 -29.93 -12.77 -14.80
C VAL C 153 -30.40 -13.32 -16.14
N VAL C 154 -29.92 -12.74 -17.23
CA VAL C 154 -30.22 -13.23 -18.57
C VAL C 154 -30.01 -14.74 -18.71
N VAL C 155 -29.04 -15.31 -18.00
CA VAL C 155 -28.90 -16.77 -18.01
C VAL C 155 -30.11 -17.36 -17.28
N LEU C 156 -30.22 -17.07 -15.99
CA LEU C 156 -31.37 -17.56 -15.18
C LEU C 156 -32.72 -17.56 -15.92
N ILE C 157 -33.01 -16.46 -16.62
CA ILE C 157 -34.21 -16.36 -17.43
C ILE C 157 -34.14 -17.39 -18.53
N LEU C 158 -33.18 -17.22 -19.44
CA LEU C 158 -33.06 -18.10 -20.61
C LEU C 158 -33.22 -19.56 -20.24
N THR C 159 -32.46 -19.99 -19.24
CA THR C 159 -32.62 -21.30 -18.64
C THR C 159 -34.12 -21.64 -18.50
N VAL C 160 -34.82 -20.91 -17.63
CA VAL C 160 -36.24 -21.16 -17.31
C VAL C 160 -37.12 -21.24 -18.58
N LEU C 161 -36.87 -20.33 -19.53
CA LEU C 161 -37.59 -20.32 -20.83
C LEU C 161 -37.38 -21.60 -21.61
N SER C 162 -36.10 -21.91 -21.87
CA SER C 162 -35.70 -23.07 -22.65
C SER C 162 -35.96 -24.36 -21.88
N SER C 163 -35.87 -24.32 -20.55
CA SER C 163 -36.18 -25.52 -19.75
C SER C 163 -37.67 -25.86 -19.79
N VAL C 164 -38.52 -24.89 -19.45
CA VAL C 164 -39.97 -25.04 -19.57
C VAL C 164 -40.33 -25.36 -21.02
N GLY C 165 -39.77 -24.57 -21.95
CA GLY C 165 -39.95 -24.79 -23.38
C GLY C 165 -39.78 -26.24 -23.76
N LEU C 166 -38.52 -26.70 -23.77
CA LEU C 166 -38.17 -28.07 -24.22
C LEU C 166 -38.89 -29.20 -23.47
N ALA C 167 -39.13 -29.05 -22.17
CA ALA C 167 -39.81 -30.12 -21.44
C ALA C 167 -41.19 -30.41 -22.02
N ALA C 168 -41.75 -29.43 -22.74
CA ALA C 168 -43.02 -29.61 -23.45
C ALA C 168 -42.83 -29.55 -24.98
N MET C 169 -41.77 -30.18 -25.49
CA MET C 169 -41.59 -30.30 -26.95
C MET C 169 -42.03 -31.69 -27.40
N SER D 58 10.22 -24.17 -22.34
CA SER D 58 9.86 -25.57 -22.69
C SER D 58 8.53 -25.61 -23.49
N SER D 59 7.67 -26.60 -23.23
CA SER D 59 6.39 -26.72 -23.92
C SER D 59 5.39 -25.69 -23.37
N LYS D 60 4.52 -25.15 -24.23
CA LYS D 60 3.37 -24.38 -23.76
C LYS D 60 2.13 -25.28 -23.66
N ALA D 61 2.23 -26.24 -22.74
CA ALA D 61 1.22 -27.29 -22.54
C ALA D 61 -0.01 -26.74 -21.86
N ALA D 62 0.19 -26.03 -20.76
CA ALA D 62 -0.91 -25.47 -19.98
C ALA D 62 -1.86 -24.64 -20.83
N SER D 63 -1.30 -23.80 -21.71
CA SER D 63 -2.13 -22.90 -22.53
C SER D 63 -2.86 -23.63 -23.66
N LEU D 64 -2.25 -24.69 -24.19
CA LEU D 64 -2.91 -25.52 -25.20
C LEU D 64 -4.15 -26.20 -24.65
N HIS D 65 -3.97 -26.92 -23.54
CA HIS D 65 -5.08 -27.64 -22.90
C HIS D 65 -6.24 -26.69 -22.63
N TRP D 66 -5.94 -25.49 -22.13
CA TRP D 66 -6.98 -24.48 -21.88
C TRP D 66 -7.67 -24.10 -23.19
N THR D 67 -6.87 -23.98 -24.26
CA THR D 67 -7.41 -23.75 -25.63
C THR D 67 -8.18 -24.95 -26.19
N GLY D 68 -7.69 -26.16 -25.94
CA GLY D 68 -8.37 -27.37 -26.38
C GLY D 68 -9.75 -27.35 -25.81
N GLU D 69 -9.81 -27.22 -24.49
CA GLU D 69 -11.04 -27.14 -23.71
C GLU D 69 -12.06 -26.23 -24.38
N ARG D 70 -11.69 -24.96 -24.58
CA ARG D 70 -12.57 -23.97 -25.24
C ARG D 70 -13.10 -24.50 -26.58
N VAL D 71 -12.19 -24.97 -27.42
CA VAL D 71 -12.55 -25.49 -28.74
C VAL D 71 -13.67 -26.52 -28.66
N VAL D 72 -13.45 -27.61 -27.92
CA VAL D 72 -14.49 -28.66 -27.93
C VAL D 72 -15.80 -28.09 -27.35
N SER D 73 -15.70 -27.19 -26.37
CA SER D 73 -16.88 -26.53 -25.78
C SER D 73 -17.71 -25.79 -26.83
N VAL D 74 -17.05 -25.15 -27.80
CA VAL D 74 -17.81 -24.53 -28.89
C VAL D 74 -18.21 -25.61 -29.91
N LEU D 75 -17.35 -26.60 -30.13
CA LEU D 75 -17.72 -27.73 -31.01
C LEU D 75 -18.97 -28.36 -30.46
N LEU D 76 -18.99 -28.59 -29.15
CA LEU D 76 -20.12 -29.18 -28.48
C LEU D 76 -21.34 -28.24 -28.44
N LEU D 77 -21.09 -26.94 -28.34
CA LEU D 77 -22.18 -25.98 -28.46
C LEU D 77 -22.78 -26.14 -29.84
N GLY D 78 -21.91 -26.27 -30.85
CA GLY D 78 -22.34 -26.46 -32.23
C GLY D 78 -23.22 -27.69 -32.50
N LEU D 79 -22.98 -28.79 -31.80
CA LEU D 79 -23.61 -30.08 -32.10
C LEU D 79 -24.99 -30.24 -31.53
N LEU D 80 -25.32 -29.56 -30.42
CA LEU D 80 -26.67 -29.73 -29.84
C LEU D 80 -27.73 -29.18 -30.79
N PRO D 81 -27.50 -28.00 -31.38
CA PRO D 81 -28.36 -27.60 -32.49
C PRO D 81 -28.26 -28.58 -33.66
N ALA D 82 -27.05 -28.78 -34.17
CA ALA D 82 -26.83 -29.58 -35.38
C ALA D 82 -27.33 -31.04 -35.33
N ALA D 83 -27.62 -31.57 -34.15
CA ALA D 83 -28.13 -32.94 -34.00
C ALA D 83 -29.63 -32.98 -33.76
N TYR D 84 -30.24 -31.82 -33.57
CA TYR D 84 -31.69 -31.69 -33.61
C TYR D 84 -32.08 -31.60 -35.07
N LEU D 85 -31.30 -30.83 -35.83
CA LEU D 85 -31.58 -30.56 -37.24
C LEU D 85 -31.21 -31.71 -38.17
N ASN D 86 -30.19 -32.48 -37.80
CA ASN D 86 -29.56 -33.42 -38.72
C ASN D 86 -29.13 -34.72 -38.02
N PRO D 87 -30.08 -35.42 -37.35
CA PRO D 87 -29.74 -36.68 -36.68
C PRO D 87 -29.14 -37.70 -37.63
N CYS D 88 -28.10 -38.40 -37.19
CA CYS D 88 -27.52 -39.50 -37.96
C CYS D 88 -26.36 -40.15 -37.22
N SER D 89 -26.07 -41.38 -37.62
CA SER D 89 -24.86 -42.10 -37.23
C SER D 89 -23.71 -41.12 -36.90
N ALA D 90 -23.34 -40.27 -37.85
CA ALA D 90 -22.16 -39.37 -37.68
C ALA D 90 -22.31 -38.42 -36.50
N MET D 91 -23.39 -37.67 -36.48
CA MET D 91 -23.71 -36.81 -35.34
C MET D 91 -23.62 -37.62 -34.06
N ASP D 92 -24.32 -38.75 -34.00
CA ASP D 92 -24.30 -39.62 -32.83
C ASP D 92 -22.90 -39.91 -32.29
N TYR D 93 -21.94 -40.18 -33.19
CA TYR D 93 -20.56 -40.48 -32.79
C TYR D 93 -19.79 -39.26 -32.29
N SER D 94 -19.94 -38.12 -32.97
CA SER D 94 -19.21 -36.92 -32.57
C SER D 94 -19.84 -36.32 -31.29
N LEU D 95 -21.16 -36.41 -31.19
CA LEU D 95 -21.85 -36.03 -29.98
C LEU D 95 -21.31 -36.88 -28.82
N ALA D 96 -20.99 -38.15 -29.10
CA ALA D 96 -20.30 -39.01 -28.12
C ALA D 96 -18.85 -38.55 -27.86
N ALA D 97 -18.11 -38.28 -28.93
CA ALA D 97 -16.72 -37.85 -28.80
C ALA D 97 -16.61 -36.50 -28.09
N ALA D 98 -17.52 -35.57 -28.40
CA ALA D 98 -17.54 -34.27 -27.73
C ALA D 98 -18.03 -34.38 -26.28
N LEU D 99 -19.17 -35.02 -26.06
CA LEU D 99 -19.68 -35.21 -24.69
C LEU D 99 -18.64 -35.73 -23.71
N THR D 100 -17.94 -36.78 -24.14
CA THR D 100 -17.09 -37.52 -23.24
C THR D 100 -15.77 -36.81 -23.03
N LEU D 101 -15.19 -36.31 -24.11
CA LEU D 101 -13.94 -35.55 -24.00
C LEU D 101 -14.14 -34.32 -23.07
N HIS D 102 -15.13 -33.49 -23.41
CA HIS D 102 -15.45 -32.30 -22.63
C HIS D 102 -15.64 -32.60 -21.16
N GLY D 103 -16.41 -33.62 -20.84
CA GLY D 103 -16.71 -33.94 -19.45
C GLY D 103 -15.52 -34.50 -18.70
N HIS D 104 -14.64 -35.17 -19.43
CA HIS D 104 -13.44 -35.77 -18.87
C HIS D 104 -12.44 -34.69 -18.44
N TRP D 105 -12.24 -33.70 -19.30
CA TRP D 105 -11.42 -32.55 -18.97
C TRP D 105 -12.05 -31.71 -17.85
N GLY D 106 -13.37 -31.64 -17.86
CA GLY D 106 -14.11 -30.85 -16.90
C GLY D 106 -13.86 -31.39 -15.52
N ILE D 107 -14.16 -32.66 -15.31
CA ILE D 107 -13.95 -33.31 -14.01
C ILE D 107 -12.44 -33.26 -13.67
N GLY D 108 -11.62 -33.36 -14.72
CA GLY D 108 -10.20 -33.09 -14.63
C GLY D 108 -9.98 -31.92 -13.69
N GLN D 109 -10.62 -30.79 -14.01
CA GLN D 109 -10.43 -29.54 -13.26
C GLN D 109 -10.99 -29.64 -11.84
N VAL D 110 -12.16 -30.27 -11.70
CA VAL D 110 -12.74 -30.48 -10.38
C VAL D 110 -11.78 -31.29 -9.53
N VAL D 111 -11.12 -32.23 -10.18
CA VAL D 111 -10.16 -33.11 -9.52
C VAL D 111 -8.92 -32.32 -9.12
N THR D 112 -8.33 -31.59 -10.07
CA THR D 112 -7.10 -30.86 -9.72
C THR D 112 -7.34 -29.76 -8.68
N ASP D 113 -8.57 -29.25 -8.60
CA ASP D 113 -8.92 -28.26 -7.56
C ASP D 113 -8.91 -28.85 -6.17
N TYR D 114 -9.76 -29.86 -5.97
CA TYR D 114 -10.07 -30.36 -4.62
C TYR D 114 -9.17 -31.50 -4.12
N VAL D 115 -8.64 -32.33 -5.03
CA VAL D 115 -7.94 -33.56 -4.63
C VAL D 115 -6.47 -33.29 -4.28
N ARG D 116 -6.15 -33.18 -2.99
CA ARG D 116 -4.81 -32.75 -2.54
C ARG D 116 -3.86 -33.92 -2.27
N GLY D 117 -2.63 -33.78 -2.78
CA GLY D 117 -1.60 -34.80 -2.64
C GLY D 117 -1.33 -35.53 -3.95
N ASP D 118 -0.08 -35.95 -4.13
CA ASP D 118 0.30 -36.83 -5.25
C ASP D 118 -0.32 -38.20 -5.04
N ALA D 119 -0.55 -38.56 -3.78
CA ALA D 119 -1.24 -39.80 -3.41
C ALA D 119 -2.52 -39.94 -4.23
N LEU D 120 -3.53 -39.15 -3.86
CA LEU D 120 -4.88 -39.28 -4.43
C LEU D 120 -4.99 -38.73 -5.84
N GLN D 121 -4.33 -37.62 -6.13
CA GLN D 121 -4.42 -37.01 -7.46
C GLN D 121 -3.98 -37.98 -8.55
N LYS D 122 -3.15 -38.96 -8.19
CA LYS D 122 -2.83 -40.07 -9.08
C LYS D 122 -4.07 -40.95 -9.34
N VAL D 123 -4.61 -41.57 -8.28
CA VAL D 123 -5.78 -42.45 -8.42
C VAL D 123 -6.94 -41.78 -9.14
N ALA D 124 -7.35 -40.60 -8.65
CA ALA D 124 -8.49 -39.88 -9.19
C ALA D 124 -8.34 -39.64 -10.69
N LYS D 125 -7.19 -39.15 -11.13
CA LYS D 125 -6.94 -38.94 -12.57
C LYS D 125 -6.93 -40.25 -13.37
N ALA D 126 -6.54 -41.34 -12.72
CA ALA D 126 -6.62 -42.68 -13.30
C ALA D 126 -8.06 -43.18 -13.39
N GLY D 127 -8.67 -43.49 -12.24
CA GLY D 127 -10.08 -43.89 -12.19
C GLY D 127 -10.99 -43.07 -13.09
N LEU D 128 -10.80 -41.75 -13.12
CA LEU D 128 -11.48 -40.87 -14.06
C LEU D 128 -11.31 -41.39 -15.48
N LEU D 129 -10.06 -41.34 -15.98
CA LEU D 129 -9.71 -41.81 -17.33
C LEU D 129 -10.32 -43.16 -17.72
N ALA D 130 -10.43 -44.06 -16.76
CA ALA D 130 -11.14 -45.32 -16.97
C ALA D 130 -12.59 -45.01 -17.29
N LEU D 131 -13.27 -44.35 -16.35
CA LEU D 131 -14.67 -43.97 -16.48
C LEU D 131 -14.94 -43.26 -17.83
N SER D 132 -14.07 -42.32 -18.18
CA SER D 132 -14.13 -41.65 -19.48
C SER D 132 -14.14 -42.66 -20.62
N ALA D 133 -13.04 -43.41 -20.75
CA ALA D 133 -12.91 -44.45 -21.75
C ALA D 133 -14.12 -45.39 -21.76
N PHE D 134 -14.41 -45.99 -20.61
CA PHE D 134 -15.58 -46.84 -20.54
C PHE D 134 -16.81 -46.15 -21.07
N THR D 135 -16.98 -44.88 -20.71
CA THR D 135 -18.14 -44.10 -21.14
C THR D 135 -18.14 -43.86 -22.65
N PHE D 136 -17.01 -43.42 -23.22
CA PHE D 136 -16.94 -43.27 -24.67
C PHE D 136 -17.24 -44.58 -25.41
N ALA D 137 -16.81 -45.71 -24.85
CA ALA D 137 -17.00 -47.00 -25.50
C ALA D 137 -18.44 -47.48 -25.44
N GLY D 138 -19.08 -47.32 -24.29
CA GLY D 138 -20.50 -47.64 -24.13
C GLY D 138 -21.44 -46.75 -24.94
N LEU D 139 -21.06 -45.49 -25.14
CA LEU D 139 -21.82 -44.63 -26.04
C LEU D 139 -21.64 -45.10 -27.47
N CYS D 140 -20.41 -45.45 -27.84
CA CYS D 140 -20.12 -45.96 -29.17
C CYS D 140 -20.84 -47.27 -29.41
N TYR D 141 -20.90 -48.11 -28.36
CA TYR D 141 -21.60 -49.38 -28.46
C TYR D 141 -23.06 -49.12 -28.74
N PHE D 142 -23.65 -48.23 -27.95
CA PHE D 142 -25.05 -47.88 -28.09
C PHE D 142 -25.37 -47.30 -29.48
N ASN D 143 -24.43 -46.53 -30.04
CA ASN D 143 -24.60 -45.94 -31.35
C ASN D 143 -24.59 -47.02 -32.43
N TYR D 144 -23.72 -48.01 -32.25
CA TYR D 144 -23.55 -49.10 -33.21
C TYR D 144 -24.70 -50.12 -33.15
N HIS D 145 -24.81 -50.82 -32.04
CA HIS D 145 -25.71 -51.96 -31.92
C HIS D 145 -27.11 -51.60 -31.46
N ASP D 146 -27.33 -50.37 -31.00
CA ASP D 146 -28.67 -49.92 -30.60
C ASP D 146 -29.07 -48.67 -31.40
N VAL D 147 -30.13 -48.03 -30.92
CA VAL D 147 -30.76 -46.87 -31.54
C VAL D 147 -29.81 -45.74 -31.91
N GLY D 148 -28.96 -45.32 -30.96
CA GLY D 148 -28.04 -44.20 -31.16
C GLY D 148 -28.60 -42.93 -30.54
N ILE D 149 -27.75 -42.15 -29.88
CA ILE D 149 -28.22 -41.10 -28.94
C ILE D 149 -29.30 -40.17 -29.49
N CYS D 150 -29.11 -39.66 -30.71
CA CYS D 150 -30.14 -38.83 -31.35
C CYS D 150 -31.51 -39.47 -31.23
N LYS D 151 -31.67 -40.62 -31.90
CA LYS D 151 -32.96 -41.28 -31.95
C LYS D 151 -33.39 -41.75 -30.55
N ALA D 152 -32.44 -42.09 -29.69
CA ALA D 152 -32.74 -42.54 -28.32
C ALA D 152 -33.35 -41.42 -27.48
N VAL D 153 -32.78 -40.23 -27.59
CA VAL D 153 -33.34 -39.04 -26.97
C VAL D 153 -34.71 -38.78 -27.59
N ALA D 154 -34.74 -38.77 -28.92
CA ALA D 154 -35.98 -38.52 -29.69
C ALA D 154 -37.14 -39.41 -29.24
N MET D 155 -36.88 -40.71 -29.14
CA MET D 155 -37.86 -41.67 -28.62
C MET D 155 -38.22 -41.36 -27.18
N LEU D 156 -37.21 -41.13 -26.34
CA LEU D 156 -37.47 -40.86 -24.93
C LEU D 156 -38.47 -39.72 -24.81
N TRP D 157 -38.38 -38.74 -25.70
CA TRP D 157 -39.11 -37.47 -25.55
C TRP D 157 -40.61 -37.60 -25.79
N LYS D 158 -41.00 -38.21 -26.91
CA LYS D 158 -42.42 -38.48 -27.16
C LYS D 158 -42.86 -39.67 -26.32
N LEU D 159 -43.20 -39.39 -25.06
CA LEU D 159 -43.49 -40.44 -24.10
C LEU D 159 -44.22 -39.86 -22.89
PA FAD E . 8.43 7.10 5.56
O1A FAD E . 7.92 7.03 4.14
O2A FAD E . 7.48 7.50 6.65
O5B FAD E . 9.00 5.64 5.91
C5B FAD E . 9.23 5.30 7.26
C4B FAD E . 9.89 3.94 7.35
O4B FAD E . 10.52 3.78 8.62
C3B FAD E . 8.86 2.84 7.25
O3B FAD E . 9.42 1.77 6.51
C2B FAD E . 8.63 2.41 8.67
O2B FAD E . 8.22 1.05 8.71
C1B FAD E . 10.00 2.63 9.26
N9A FAD E . 9.99 2.77 10.73
C8A FAD E . 9.47 3.76 11.51
N7A FAD E . 9.69 3.49 12.83
C5A FAD E . 10.37 2.33 12.90
C6A FAD E . 10.92 1.45 13.94
N6A FAD E . 10.79 1.77 15.24
N1A FAD E . 11.54 0.32 13.58
C2A FAD E . 11.70 -0.04 12.29
N3A FAD E . 11.22 0.70 11.28
C4A FAD E . 10.56 1.87 11.52
N1 FAD E . 6.62 14.80 -0.50
C2 FAD E . 6.85 15.11 -1.80
O2 FAD E . 8.04 15.37 -2.18
N3 FAD E . 5.86 15.14 -2.72
C4 FAD E . 4.60 14.88 -2.38
O4 FAD E . 3.67 14.93 -3.23
C4X FAD E . 4.28 14.55 -0.99
N5 FAD E . 3.02 14.28 -0.61
C5X FAD E . 2.73 13.97 0.65
C6 FAD E . 1.41 13.71 0.95
C7 FAD E . 1.03 13.38 2.24
C7M FAD E . -0.41 13.07 2.57
C8 FAD E . 2.05 13.29 3.30
C8M FAD E . 1.54 12.97 4.67
C9 FAD E . 3.40 13.55 3.02
C9A FAD E . 3.79 13.90 1.72
N10 FAD E . 5.12 14.19 1.34
C10 FAD E . 5.39 14.52 -0.02
C1' FAD E . 6.25 14.14 2.27
C2' FAD E . 7.05 12.86 1.96
O2' FAD E . 6.25 11.87 1.31
C3' FAD E . 7.59 12.17 3.21
O3' FAD E . 8.39 13.11 3.93
C4' FAD E . 8.39 10.95 2.79
O4' FAD E . 7.41 10.04 2.31
C5' FAD E . 9.25 10.31 3.90
O5' FAD E . 10.00 9.18 3.45
P FAD E . 10.84 8.32 4.54
O1P FAD E . 11.37 7.01 3.97
O2P FAD E . 11.84 9.22 5.25
O3P FAD E . 9.73 8.05 5.68
FE1 FES F . -6.76 1.48 5.66
FE2 FES F . -3.99 2.31 5.13
S1 FES F . -5.04 1.76 7.00
S2 FES F . -5.51 1.40 3.81
FE1 SF4 G . -6.55 -7.12 -5.08
FE2 SF4 G . -4.66 -4.68 -5.45
FE3 SF4 G . -6.29 -5.01 -2.88
FE4 SF4 G . -7.76 -4.44 -5.58
S1 SF4 G . -6.17 -3.57 -4.44
S2 SF4 G . -7.89 -5.87 -4.02
S3 SF4 G . -6.25 -5.59 -6.53
S4 SF4 G . -4.95 -6.21 -4.01
FE1 F3S H . -10.44 -16.17 -10.87
FE3 F3S H . -10.90 -16.19 -7.97
FE4 F3S H . -11.43 -13.84 -9.53
S1 F3S H . -11.16 -17.71 -9.51
S2 F3S H . -11.26 -14.27 -11.65
S3 F3S H . -9.58 -15.01 -9.26
S4 F3S H . -12.04 -14.38 -7.48
CHA HEM I . -17.38 -26.98 -17.62
CHB HEM I . -19.39 -25.17 -21.62
CHC HEM I . -22.26 -29.07 -21.94
CHD HEM I . -19.89 -31.09 -18.30
C1A HEM I . -17.68 -26.16 -18.66
C2A HEM I . -16.93 -25.02 -19.01
C3A HEM I . -17.49 -24.52 -20.14
C4A HEM I . -18.59 -25.34 -20.49
CMA HEM I . -17.03 -23.28 -20.90
CAA HEM I . -15.72 -24.44 -18.30
CBA HEM I . -16.08 -23.25 -17.41
CGA HEM I . -14.92 -22.85 -16.54
O1A HEM I . -14.76 -23.40 -15.42
O2A HEM I . -14.13 -21.95 -16.91
C1B HEM I . -20.37 -26.08 -22.06
C2B HEM I . -21.21 -25.85 -23.19
C3B HEM I . -22.03 -26.95 -23.29
C4B HEM I . -21.66 -27.83 -22.17
CMB HEM I . -21.17 -24.63 -24.09
CAB HEM I . -23.09 -27.31 -24.26
CBB HEM I . -23.37 -26.61 -25.35
C1C HEM I . -21.85 -30.00 -20.99
C2C HEM I . -22.33 -31.32 -20.88
C3C HEM I . -21.63 -31.91 -19.82
C4C HEM I . -20.74 -30.91 -19.33
CMC HEM I . -23.39 -31.96 -21.75
CAC HEM I . -21.72 -33.29 -19.27
CBC HEM I . -22.54 -34.24 -19.73
C1D HEM I . -19.03 -30.08 -17.87
C2D HEM I . -18.17 -30.32 -16.71
C3D HEM I . -17.49 -29.18 -16.52
C4D HEM I . -17.93 -28.25 -17.56
CMD HEM I . -18.07 -31.57 -15.88
CAD HEM I . -16.47 -28.94 -15.46
CBD HEM I . -17.12 -28.17 -14.29
CGD HEM I . -16.15 -27.19 -13.67
O1D HEM I . -14.95 -27.02 -14.04
O2D HEM I . -16.55 -26.48 -12.73
NA HEM I . -18.67 -26.37 -19.58
NB HEM I . -20.68 -27.24 -21.50
NC HEM I . -20.90 -29.76 -20.04
ND HEM I . -18.88 -28.82 -18.33
FE HEM I . -19.72 -28.06 -19.86
N FTN J . -16.76 -22.68 -4.93
C1 FTN J . -13.06 -23.66 -6.92
F1 FTN J . -13.16 -23.32 -5.64
O1 FTN J . -15.17 -24.29 -4.74
C2 FTN J . -14.38 -23.55 -7.64
F2 FTN J . -12.64 -24.91 -6.93
O2 FTN J . -18.57 -19.97 -1.39
C3 FTN J . -15.68 -23.48 -6.93
F3 FTN J . -12.18 -22.88 -7.51
C4 FTN J . -16.84 -23.40 -7.71
C5 FTN J . -16.78 -23.37 -9.10
C6 FTN J . -15.56 -23.43 -9.74
C7 FTN J . -14.38 -23.52 -9.03
C8 FTN J . -15.85 -23.51 -5.43
C9 FTN J . -17.14 -22.57 -3.59
C10 FTN J . -17.65 -21.35 -3.14
C11 FTN J . -18.08 -21.20 -1.83
C12 FTN J . -17.99 -22.28 -0.96
C13 FTN J . -17.51 -23.52 -1.39
C14 FTN J . -17.09 -23.66 -2.70
C15 FTN J . -19.83 -19.80 -0.70
C16 FTN J . -19.60 -19.08 0.63
C17 FTN J . -20.83 -19.04 -1.58
#